data_6AJF
#
_entry.id   6AJF
#
_cell.length_a   86.320
_cell.length_b   138.338
_cell.length_c   139.950
_cell.angle_alpha   90.000
_cell.angle_beta   90.000
_cell.angle_gamma   90.000
#
_symmetry.space_group_name_H-M   'P 21 21 21'
#
loop_
_entity.id
_entity.type
_entity.pdbx_description
1 polymer 'Drug exporters of the RND superfamily-like protein,Endolysin'
2 non-polymer '(CARBAMOYLMETHYL-CARBOXYMETHYL-AMINO)-ACETIC ACID'
3 non-polymer 'alpha-D-glucopyranosyl 6-O-dodecyl-alpha-D-glucopyranoside'
#
_entity_poly.entity_id   1
_entity_poly.type   'polypeptide(L)'
_entity_poly.pdbx_seq_one_letter_code
;MPEVVGSYFQSNAMFAWWGRTVYQFRYIVIGVMVALCLGGGVYGISLGNHVTQSGFYDEGSQSVAASLIGDEVYGRDRTS
HVVAILTPPDDKKVTDKAWQKKVTEELDQVVKDHEDQIVGWVGWLKAPDTTDPTVSAMKTQDLRHTFISIPLQGDDDDEI
LKNYQVVEPELQQVNGGDIRLAGLNPLASELTGTIGEDQKRAEVAAIPLVAVVLFFVFGTVIAAALPAIIGGLAIAGALG
IMRLVAEFTPVHFFAQPVVTLIGLGIAIDYGLFIVSRFREEIAEGYDTEAAVRRTVMTSGRTVVFSAVIIVASSVPLLLF
PQGFLKSITYAIIASVMLAAILSITVLAAALAILGPRVDALGVTTLLKIPFLANWQFSRRIIDWFAEKTQKTKTREEVER
GFWGRLVNVVMKRPIAFAAPILVVMVLLIIPLGQLSLGGISEKYLPPDNAVRQSQEQFDKLFPGFRTEPLTLVMKREDGE
PITDAQIADMRAKALTVSGFTDPDNDPEKMWKERPANDSGSKDPSVRVIQNGLENRNDAAKKIDELRALQPPHGIEVFVG
GTPALEQDSIHSLFDKLPLMALILIVTTTVLMFLAFGSVVLPIKAALMSALTLGSTMGILTWMFVDGHGSGLMNYTPQPL
MAPMIGLIIAVIWGLSTDYEVFLVSRMVEARERGMSTAEAIRIGTATTGRLITGAALILAVVAGAFVFSDLVMMKYLAFG
LLIALLLDATIIRMFLVPAVMKLLGDDCWWAPRWMKRVQEKEFNIFEMLRIDEGLRLKIYKDTEGYYTIGIGHLLTKSPS
LNAAKSELDKAIGRNTNGVITKDEAEKLFNQDVDAAVRGILRNAKLKPVYDSLDAVRRAALINMVFQMGETGVAGFTNSL
RMLQQKRWDEAAVNLAKSRWYNQTPNRAKRVITTFRTGTWDAYEFHLGGIKAFHHHHHHHHHH
;
_entity_poly.pdbx_strand_id   A
#
# COMPACT_ATOMS: atom_id res chain seq x y z
N PHE A 9 -11.05 -4.43 23.36
CA PHE A 9 -11.02 -2.98 23.17
C PHE A 9 -12.21 -2.48 22.36
N GLN A 10 -12.04 -1.30 21.76
CA GLN A 10 -13.10 -0.65 21.02
C GLN A 10 -13.27 -1.25 19.63
N SER A 11 -12.17 -1.72 19.06
CA SER A 11 -12.12 -2.13 17.65
C SER A 11 -12.95 -3.38 17.31
N ASN A 12 -13.15 -4.27 18.27
CA ASN A 12 -13.81 -5.53 17.96
C ASN A 12 -15.34 -5.42 17.85
N ALA A 13 -15.90 -4.36 18.40
CA ALA A 13 -17.34 -4.17 18.38
C ALA A 13 -17.85 -3.70 17.02
N MET A 14 -17.13 -2.74 16.43
CA MET A 14 -17.55 -2.12 15.18
C MET A 14 -17.59 -3.09 13.99
N PHE A 15 -16.58 -3.95 13.89
CA PHE A 15 -16.50 -4.89 12.76
C PHE A 15 -17.68 -5.85 12.78
N ALA A 16 -18.13 -6.22 13.96
CA ALA A 16 -19.33 -7.03 14.12
C ALA A 16 -20.54 -6.31 13.54
N TRP A 17 -20.75 -5.08 14.01
CA TRP A 17 -21.87 -4.26 13.55
C TRP A 17 -21.84 -4.05 12.05
N TRP A 18 -20.65 -3.81 11.50
CA TRP A 18 -20.54 -3.57 10.08
C TRP A 18 -20.79 -4.85 9.31
N GLY A 19 -20.51 -5.99 9.95
CA GLY A 19 -20.76 -7.29 9.37
C GLY A 19 -22.23 -7.57 9.13
N ARG A 20 -23.07 -7.17 10.08
CA ARG A 20 -24.52 -7.32 9.93
C ARG A 20 -25.08 -6.27 8.98
N THR A 21 -24.37 -5.15 8.86
CA THR A 21 -24.88 -4.01 8.09
C THR A 21 -24.67 -4.16 6.59
N VAL A 22 -23.49 -4.66 6.18
CA VAL A 22 -23.23 -4.90 4.76
C VAL A 22 -24.20 -5.92 4.17
N TYR A 23 -24.67 -6.84 5.01
CA TYR A 23 -25.64 -7.82 4.56
C TYR A 23 -27.04 -7.21 4.49
N GLN A 24 -27.37 -6.38 5.48
CA GLN A 24 -28.70 -5.77 5.52
C GLN A 24 -28.89 -4.81 4.36
N PHE A 25 -27.79 -4.17 3.94
CA PHE A 25 -27.85 -3.20 2.85
C PHE A 25 -26.90 -3.56 1.71
N ARG A 26 -26.94 -4.83 1.28
CA ARG A 26 -26.11 -5.33 0.20
C ARG A 26 -26.20 -4.49 -1.07
N TYR A 27 -27.40 -4.43 -1.64
CA TYR A 27 -27.61 -3.81 -2.94
C TYR A 27 -27.32 -2.32 -2.95
N ILE A 28 -27.62 -1.64 -1.84
CA ILE A 28 -27.35 -0.22 -1.72
C ILE A 28 -25.83 0.02 -1.61
N VAL A 29 -25.17 -0.76 -0.77
CA VAL A 29 -23.74 -0.64 -0.58
C VAL A 29 -22.96 -0.89 -1.87
N ILE A 30 -23.36 -1.92 -2.60
CA ILE A 30 -22.65 -2.30 -3.82
C ILE A 30 -22.97 -1.33 -4.96
N GLY A 31 -24.09 -0.63 -4.85
CA GLY A 31 -24.50 0.31 -5.89
C GLY A 31 -23.80 1.65 -5.76
N VAL A 32 -23.72 2.15 -4.54
CA VAL A 32 -23.12 3.45 -4.27
C VAL A 32 -21.62 3.45 -4.56
N MET A 33 -20.92 2.43 -4.07
CA MET A 33 -19.47 2.39 -4.13
C MET A 33 -18.92 2.15 -5.54
N VAL A 34 -19.54 1.24 -6.28
CA VAL A 34 -19.12 0.98 -7.65
C VAL A 34 -19.37 2.21 -8.51
N ALA A 35 -20.48 2.90 -8.27
CA ALA A 35 -20.78 4.14 -8.95
C ALA A 35 -19.70 5.18 -8.68
N LEU A 36 -19.28 5.26 -7.42
CA LEU A 36 -18.24 6.20 -7.02
C LEU A 36 -16.89 5.84 -7.64
N CYS A 37 -16.55 4.56 -7.60
CA CYS A 37 -15.27 4.09 -8.13
C CYS A 37 -15.18 4.26 -9.64
N LEU A 38 -16.25 3.89 -10.34
CA LEU A 38 -16.29 4.07 -11.78
C LEU A 38 -16.40 5.56 -12.10
N GLY A 39 -17.14 6.29 -11.27
CA GLY A 39 -17.23 7.73 -11.41
C GLY A 39 -15.87 8.35 -11.20
N GLY A 40 -15.13 7.85 -10.23
CA GLY A 40 -13.78 8.30 -9.98
C GLY A 40 -12.87 7.95 -11.15
N GLY A 41 -13.00 6.71 -11.64
CA GLY A 41 -12.18 6.24 -12.75
C GLY A 41 -12.34 7.08 -14.00
N VAL A 42 -13.59 7.35 -14.37
CA VAL A 42 -13.89 8.19 -15.53
C VAL A 42 -13.33 9.60 -15.31
N TYR A 43 -13.39 10.05 -14.07
CA TYR A 43 -12.84 11.35 -13.71
C TYR A 43 -11.31 11.31 -13.66
N GLY A 44 -10.76 10.13 -13.42
CA GLY A 44 -9.34 9.98 -13.16
C GLY A 44 -8.49 9.49 -14.31
N ILE A 45 -9.07 9.34 -15.49
CA ILE A 45 -8.28 8.98 -16.67
C ILE A 45 -7.64 10.23 -17.25
N SER A 46 -8.14 11.39 -16.85
CA SER A 46 -7.57 12.66 -17.24
C SER A 46 -6.29 12.93 -16.46
N LEU A 47 -6.05 12.14 -15.42
CA LEU A 47 -4.78 12.18 -14.71
C LEU A 47 -3.70 11.69 -15.66
N GLY A 48 -2.74 12.56 -15.93
CA GLY A 48 -1.72 12.31 -16.93
C GLY A 48 -1.51 13.60 -17.69
N ASN A 49 -2.53 14.45 -17.66
CA ASN A 49 -2.47 15.77 -18.25
C ASN A 49 -2.43 16.85 -17.17
N HIS A 50 -2.63 16.42 -15.92
CA HIS A 50 -2.56 17.30 -14.76
C HIS A 50 -1.49 16.76 -13.84
N VAL A 51 -0.34 16.51 -14.44
CA VAL A 51 0.71 15.72 -13.83
C VAL A 51 2.06 16.43 -14.00
N THR A 52 2.89 16.40 -12.96
CA THR A 52 4.12 17.18 -12.97
C THR A 52 5.39 16.32 -12.94
N GLN A 53 6.47 16.91 -13.44
CA GLN A 53 7.77 16.26 -13.43
C GLN A 53 8.62 16.81 -12.29
N SER A 54 8.25 17.99 -11.80
CA SER A 54 9.04 18.67 -10.78
C SER A 54 8.83 18.07 -9.41
N GLY A 55 9.76 18.33 -8.50
CA GLY A 55 9.61 17.88 -7.13
C GLY A 55 10.75 17.03 -6.61
N PHE A 56 11.92 17.15 -7.22
CA PHE A 56 13.05 16.35 -6.79
C PHE A 56 13.98 17.13 -5.88
N TYR A 57 13.75 18.43 -5.77
CA TYR A 57 14.60 19.31 -4.98
C TYR A 57 13.94 19.68 -3.66
N ASP A 58 14.71 20.29 -2.76
CA ASP A 58 14.20 20.76 -1.47
C ASP A 58 13.67 22.18 -1.62
N GLU A 59 12.36 22.32 -1.66
CA GLU A 59 11.70 23.60 -1.95
C GLU A 59 12.06 24.72 -0.98
N GLY A 60 12.43 24.35 0.24
CA GLY A 60 12.78 25.33 1.25
C GLY A 60 14.27 25.60 1.36
N SER A 61 15.04 25.05 0.44
CA SER A 61 16.49 25.18 0.48
C SER A 61 16.98 26.49 -0.12
N GLN A 62 18.25 26.78 0.10
CA GLN A 62 18.87 27.99 -0.42
C GLN A 62 19.10 27.89 -1.93
N SER A 63 19.39 26.68 -2.40
CA SER A 63 19.64 26.48 -3.83
C SER A 63 18.39 26.75 -4.64
N VAL A 64 17.25 26.28 -4.15
CA VAL A 64 15.97 26.54 -4.81
C VAL A 64 15.65 28.03 -4.75
N ALA A 65 15.90 28.64 -3.60
CA ALA A 65 15.74 30.08 -3.45
C ALA A 65 16.64 30.80 -4.46
N ALA A 66 17.88 30.34 -4.56
CA ALA A 66 18.84 30.91 -5.50
C ALA A 66 18.35 30.72 -6.93
N SER A 67 17.72 29.57 -7.20
CA SER A 67 17.16 29.29 -8.51
C SER A 67 16.01 30.25 -8.78
N LEU A 68 15.08 30.33 -7.84
CA LEU A 68 13.91 31.20 -7.96
C LEU A 68 14.30 32.64 -8.26
N ILE A 69 15.18 33.20 -7.42
CA ILE A 69 15.66 34.57 -7.61
C ILE A 69 16.45 34.70 -8.91
N GLY A 70 17.20 33.67 -9.25
CA GLY A 70 18.00 33.68 -10.46
C GLY A 70 17.15 33.73 -11.73
N ASP A 71 16.14 32.88 -11.80
CA ASP A 71 15.27 32.86 -12.97
C ASP A 71 14.41 34.12 -13.01
N GLU A 72 14.12 34.66 -11.83
CA GLU A 72 13.30 35.87 -11.73
C GLU A 72 14.00 37.08 -12.35
N VAL A 73 15.26 37.28 -12.00
CA VAL A 73 15.98 38.48 -12.39
C VAL A 73 16.73 38.33 -13.71
N TYR A 74 17.39 37.19 -13.89
CA TYR A 74 18.21 36.97 -15.08
C TYR A 74 17.47 36.24 -16.18
N GLY A 75 16.32 35.67 -15.85
CA GLY A 75 15.58 34.84 -16.77
C GLY A 75 16.04 33.41 -16.61
N ARG A 76 15.14 32.47 -16.78
CA ARG A 76 15.52 31.10 -16.65
C ARG A 76 16.41 30.67 -17.77
N ASP A 77 17.36 29.80 -17.46
CA ASP A 77 18.27 29.28 -18.47
C ASP A 77 17.51 28.36 -19.43
N ARG A 78 17.35 28.82 -20.67
CA ARG A 78 16.68 28.02 -21.69
C ARG A 78 17.67 27.51 -22.74
N THR A 79 18.95 27.80 -22.54
CA THR A 79 19.98 27.44 -23.51
C THR A 79 20.13 25.93 -23.66
N SER A 80 19.72 25.21 -22.62
CA SER A 80 19.91 23.77 -22.57
C SER A 80 18.59 23.03 -22.75
N HIS A 81 17.54 23.78 -23.09
CA HIS A 81 16.20 23.20 -23.29
C HIS A 81 16.20 22.14 -24.38
N VAL A 82 16.49 22.57 -25.59
CA VAL A 82 16.60 21.67 -26.73
C VAL A 82 17.91 21.95 -27.46
N VAL A 83 18.65 20.89 -27.69
CA VAL A 83 19.91 20.97 -28.42
C VAL A 83 19.84 19.96 -29.57
N ALA A 84 20.13 20.42 -30.78
CA ALA A 84 19.93 19.59 -31.96
C ALA A 84 21.18 19.49 -32.82
N ILE A 85 21.75 18.29 -32.89
CA ILE A 85 22.91 18.07 -33.75
C ILE A 85 22.47 17.90 -35.20
N LEU A 86 23.07 18.68 -36.09
CA LEU A 86 22.72 18.62 -37.51
C LEU A 86 23.85 18.01 -38.33
N THR A 87 23.50 17.09 -39.22
CA THR A 87 24.48 16.46 -40.09
C THR A 87 24.02 16.52 -41.53
N PRO A 88 24.73 17.30 -42.36
CA PRO A 88 24.45 17.34 -43.80
C PRO A 88 24.69 15.96 -44.43
N PRO A 89 23.79 15.54 -45.33
CA PRO A 89 23.83 14.21 -45.95
C PRO A 89 24.92 14.08 -47.01
N ASP A 90 25.09 12.87 -47.55
CA ASP A 90 26.00 12.61 -48.66
C ASP A 90 27.42 13.10 -48.39
N ASP A 91 27.83 13.06 -47.13
CA ASP A 91 29.16 13.50 -46.70
C ASP A 91 29.43 14.95 -47.07
N LYS A 92 28.37 15.73 -47.28
CA LYS A 92 28.51 17.16 -47.49
C LYS A 92 28.92 17.78 -46.16
N LYS A 93 29.62 18.90 -46.20
CA LYS A 93 30.12 19.50 -44.98
C LYS A 93 29.23 20.66 -44.53
N VAL A 94 29.22 20.90 -43.22
CA VAL A 94 28.39 21.92 -42.60
C VAL A 94 28.57 23.30 -43.24
N THR A 95 29.77 23.57 -43.74
CA THR A 95 30.06 24.85 -44.38
C THR A 95 29.37 25.03 -45.73
N ASP A 96 28.78 23.96 -46.25
CA ASP A 96 28.01 24.04 -47.49
C ASP A 96 26.85 25.00 -47.32
N LYS A 97 26.99 26.21 -47.86
CA LYS A 97 25.99 27.26 -47.71
C LYS A 97 24.66 26.89 -48.36
N ALA A 98 24.70 26.05 -49.38
CA ALA A 98 23.48 25.56 -50.01
C ALA A 98 22.69 24.71 -49.01
N TRP A 99 23.41 23.87 -48.26
CA TRP A 99 22.80 23.06 -47.22
C TRP A 99 22.35 23.95 -46.06
N GLN A 100 23.10 25.02 -45.81
CA GLN A 100 22.78 25.93 -44.71
C GLN A 100 21.48 26.67 -44.98
N LYS A 101 21.37 27.29 -46.15
CA LYS A 101 20.20 28.10 -46.49
C LYS A 101 18.91 27.27 -46.46
N LYS A 102 19.02 26.00 -46.79
CA LYS A 102 17.85 25.13 -46.80
C LYS A 102 17.45 24.70 -45.39
N VAL A 103 18.44 24.32 -44.58
CA VAL A 103 18.17 23.83 -43.23
C VAL A 103 17.67 24.93 -42.31
N THR A 104 18.31 26.10 -42.40
CA THR A 104 17.92 27.24 -41.57
C THR A 104 16.50 27.71 -41.92
N GLU A 105 16.17 27.71 -43.19
CA GLU A 105 14.83 28.09 -43.62
C GLU A 105 13.78 27.12 -43.08
N GLU A 106 14.16 25.84 -42.99
CA GLU A 106 13.32 24.84 -42.36
C GLU A 106 13.11 25.19 -40.89
N LEU A 107 14.21 25.55 -40.24
CA LEU A 107 14.17 25.92 -38.82
C LEU A 107 13.31 27.15 -38.60
N ASP A 108 13.53 28.18 -39.41
CA ASP A 108 12.77 29.42 -39.30
C ASP A 108 11.27 29.15 -39.46
N GLN A 109 10.93 28.17 -40.31
CA GLN A 109 9.54 27.82 -40.54
C GLN A 109 8.92 27.15 -39.32
N VAL A 110 9.69 26.31 -38.64
CA VAL A 110 9.22 25.62 -37.44
C VAL A 110 8.97 26.63 -36.33
N VAL A 111 9.88 27.60 -36.20
CA VAL A 111 9.76 28.66 -35.22
C VAL A 111 8.59 29.57 -35.56
N LYS A 112 8.46 29.89 -36.85
CA LYS A 112 7.37 30.72 -37.35
C LYS A 112 6.01 30.14 -36.99
N ASP A 113 5.89 28.81 -37.07
CA ASP A 113 4.60 28.16 -36.85
C ASP A 113 4.35 27.85 -35.38
N HIS A 114 5.37 28.09 -34.54
CA HIS A 114 5.29 27.71 -33.14
C HIS A 114 5.94 28.74 -32.23
N GLU A 115 5.59 30.00 -32.42
CA GLU A 115 6.10 31.07 -31.58
C GLU A 115 5.54 30.97 -30.16
N ASP A 116 4.40 30.29 -30.03
CA ASP A 116 3.82 30.05 -28.71
C ASP A 116 4.58 28.95 -27.97
N GLN A 117 5.40 28.20 -28.69
CA GLN A 117 6.16 27.10 -28.11
C GLN A 117 7.66 27.35 -28.13
N ILE A 118 8.16 27.88 -29.24
CA ILE A 118 9.59 28.08 -29.40
C ILE A 118 9.98 29.55 -29.33
N VAL A 119 11.01 29.85 -28.55
CA VAL A 119 11.56 31.20 -28.47
C VAL A 119 12.32 31.52 -29.75
N GLY A 120 13.10 30.56 -30.21
CA GLY A 120 13.89 30.70 -31.42
C GLY A 120 14.95 29.62 -31.44
N TRP A 121 15.83 29.65 -32.44
CA TRP A 121 16.94 28.71 -32.44
C TRP A 121 18.27 29.45 -32.51
N VAL A 122 19.19 29.05 -31.63
CA VAL A 122 20.47 29.71 -31.51
C VAL A 122 21.58 28.76 -31.94
N GLY A 123 22.53 29.26 -32.72
CA GLY A 123 23.67 28.45 -33.09
C GLY A 123 24.57 29.07 -34.14
N TRP A 124 25.67 28.37 -34.43
CA TRP A 124 26.62 28.79 -35.46
C TRP A 124 25.93 28.95 -36.81
N LEU A 125 24.93 28.13 -37.08
CA LEU A 125 24.26 28.11 -38.36
C LEU A 125 23.50 29.41 -38.66
N LYS A 126 23.20 30.18 -37.61
CA LYS A 126 22.47 31.43 -37.76
C LYS A 126 23.39 32.53 -38.25
N ALA A 127 24.65 32.46 -37.86
CA ALA A 127 25.67 33.37 -38.34
C ALA A 127 26.99 32.62 -38.51
N PRO A 128 27.08 31.83 -39.60
CA PRO A 128 28.24 30.95 -39.85
C PRO A 128 29.56 31.70 -39.95
N ASP A 129 29.50 32.96 -40.36
CA ASP A 129 30.70 33.78 -40.46
C ASP A 129 30.90 34.62 -39.21
N THR A 130 31.27 33.97 -38.12
CA THR A 130 31.58 34.67 -36.88
C THR A 130 32.90 34.15 -36.31
N THR A 131 33.71 35.07 -35.78
CA THR A 131 34.97 34.69 -35.16
C THR A 131 34.78 34.54 -33.65
N ASP A 132 33.53 34.60 -33.21
CA ASP A 132 33.19 34.32 -31.82
C ASP A 132 33.54 32.87 -31.52
N PRO A 133 34.56 32.67 -30.66
CA PRO A 133 35.15 31.35 -30.39
C PRO A 133 34.15 30.32 -29.87
N THR A 134 33.30 30.72 -28.93
CA THR A 134 32.32 29.80 -28.36
C THR A 134 31.26 29.42 -29.40
N VAL A 135 30.82 30.41 -30.18
CA VAL A 135 29.83 30.17 -31.22
C VAL A 135 30.42 29.34 -32.36
N SER A 136 31.70 29.58 -32.66
CA SER A 136 32.38 28.82 -33.69
C SER A 136 32.70 27.40 -33.23
N ALA A 137 32.50 27.15 -31.94
CA ALA A 137 32.73 25.82 -31.37
C ALA A 137 31.45 24.99 -31.39
N MET A 138 30.42 25.52 -32.04
CA MET A 138 29.16 24.80 -32.19
C MET A 138 29.20 23.94 -33.46
N LYS A 139 30.37 23.91 -34.08
CA LYS A 139 30.61 23.02 -35.21
C LYS A 139 31.89 22.23 -34.95
N THR A 140 31.91 20.98 -35.39
CA THR A 140 33.10 20.16 -35.27
C THR A 140 34.12 20.61 -36.30
N GLN A 141 35.40 20.33 -36.05
CA GLN A 141 36.46 20.82 -36.93
C GLN A 141 36.47 20.09 -38.27
N ASP A 142 35.85 18.93 -38.32
CA ASP A 142 35.75 18.18 -39.58
C ASP A 142 34.52 18.64 -40.36
N LEU A 143 33.79 19.58 -39.79
CA LEU A 143 32.67 20.25 -40.45
C LEU A 143 31.57 19.28 -40.88
N ARG A 144 31.46 18.15 -40.19
CA ARG A 144 30.45 17.15 -40.52
C ARG A 144 29.23 17.28 -39.60
N HIS A 145 29.43 17.90 -38.44
CA HIS A 145 28.34 18.09 -37.49
C HIS A 145 28.32 19.51 -36.93
N THR A 146 27.12 20.03 -36.75
CA THR A 146 26.94 21.30 -36.05
C THR A 146 25.64 21.25 -35.25
N PHE A 147 25.63 21.85 -34.08
CA PHE A 147 24.44 21.80 -33.25
C PHE A 147 23.85 23.20 -33.02
N ILE A 148 22.57 23.23 -32.74
CA ILE A 148 21.87 24.47 -32.42
C ILE A 148 21.13 24.33 -31.11
N SER A 149 20.91 25.45 -30.42
CA SER A 149 20.12 25.45 -29.20
C SER A 149 18.74 26.00 -29.51
N ILE A 150 17.71 25.30 -29.04
CA ILE A 150 16.33 25.69 -29.35
C ILE A 150 15.53 25.97 -28.08
N PRO A 151 15.72 27.16 -27.48
CA PRO A 151 14.97 27.57 -26.29
C PRO A 151 13.46 27.58 -26.51
N LEU A 152 12.72 27.10 -25.52
CA LEU A 152 11.27 26.96 -25.63
C LEU A 152 10.53 27.92 -24.72
N GLN A 153 9.30 28.27 -25.11
CA GLN A 153 8.43 29.07 -24.27
C GLN A 153 7.94 28.26 -23.07
N GLY A 154 7.46 28.95 -22.05
CA GLY A 154 6.92 28.30 -20.88
C GLY A 154 7.59 28.78 -19.60
N ASP A 155 6.87 28.71 -18.48
CA ASP A 155 7.38 29.26 -17.24
C ASP A 155 7.47 28.20 -16.12
N ASP A 156 7.32 26.94 -16.50
CA ASP A 156 7.64 25.84 -15.60
C ASP A 156 8.07 24.61 -16.41
N ASP A 157 8.63 23.62 -15.73
CA ASP A 157 9.14 22.42 -16.39
C ASP A 157 8.08 21.68 -17.21
N ASP A 158 6.84 21.76 -16.76
CA ASP A 158 5.75 21.01 -17.40
C ASP A 158 5.28 21.65 -18.69
N GLU A 159 5.12 22.98 -18.68
CA GLU A 159 4.67 23.69 -19.86
C GLU A 159 5.72 23.62 -20.97
N ILE A 160 6.98 23.75 -20.58
CA ILE A 160 8.10 23.69 -21.52
C ILE A 160 8.17 22.32 -22.18
N LEU A 161 7.95 21.26 -21.40
CA LEU A 161 7.97 19.90 -21.94
C LEU A 161 6.83 19.69 -22.93
N LYS A 162 5.63 20.15 -22.56
CA LYS A 162 4.48 20.07 -23.45
C LYS A 162 4.75 20.83 -24.75
N ASN A 163 5.41 21.97 -24.64
CA ASN A 163 5.77 22.75 -25.81
C ASN A 163 6.75 22.02 -26.71
N TYR A 164 7.73 21.35 -26.10
CA TYR A 164 8.68 20.54 -26.86
C TYR A 164 7.98 19.45 -27.65
N GLN A 165 7.05 18.76 -26.99
CA GLN A 165 6.37 17.61 -27.57
C GLN A 165 5.45 18.02 -28.73
N VAL A 166 5.05 19.28 -28.74
CA VAL A 166 4.28 19.83 -29.84
C VAL A 166 5.16 20.04 -31.08
N VAL A 167 6.35 20.59 -30.86
CA VAL A 167 7.22 20.96 -31.97
C VAL A 167 8.17 19.83 -32.38
N GLU A 168 8.31 18.83 -31.53
CA GLU A 168 9.22 17.71 -31.79
C GLU A 168 9.00 16.99 -33.13
N PRO A 169 7.74 16.62 -33.47
CA PRO A 169 7.55 15.91 -34.74
C PRO A 169 8.03 16.68 -35.97
N GLU A 170 7.75 17.98 -35.99
CA GLU A 170 8.18 18.82 -37.11
C GLU A 170 9.67 19.12 -37.01
N LEU A 171 10.17 19.20 -35.78
CA LEU A 171 11.58 19.47 -35.54
C LEU A 171 12.43 18.29 -36.00
N GLN A 172 11.93 17.08 -35.76
CA GLN A 172 12.63 15.87 -36.15
C GLN A 172 12.67 15.71 -37.67
N GLN A 173 11.77 16.41 -38.35
CA GLN A 173 11.65 16.34 -39.80
C GLN A 173 12.64 17.27 -40.51
N VAL A 174 13.41 18.02 -39.75
CA VAL A 174 14.39 18.94 -40.31
C VAL A 174 15.60 18.17 -40.85
N ASN A 175 16.18 18.67 -41.94
CA ASN A 175 17.36 18.07 -42.57
C ASN A 175 17.08 16.65 -43.06
N GLY A 176 15.87 16.45 -43.58
CA GLY A 176 15.45 15.14 -44.07
C GLY A 176 15.41 14.10 -42.98
N GLY A 177 15.21 14.55 -41.74
CA GLY A 177 15.21 13.66 -40.60
C GLY A 177 16.59 13.52 -39.97
N ASP A 178 17.62 13.91 -40.71
CA ASP A 178 18.98 13.85 -40.19
C ASP A 178 19.24 14.97 -39.18
N ILE A 179 18.55 14.87 -38.06
CA ILE A 179 18.74 15.80 -36.94
C ILE A 179 18.54 15.00 -35.67
N ARG A 180 19.38 15.24 -34.67
CA ARG A 180 19.31 14.45 -33.44
C ARG A 180 19.08 15.35 -32.23
N LEU A 181 17.94 15.14 -31.60
CA LEU A 181 17.51 15.97 -30.50
C LEU A 181 18.01 15.53 -29.16
N ALA A 182 18.43 16.50 -28.40
CA ALA A 182 18.93 16.23 -27.09
C ALA A 182 18.78 17.45 -26.24
N GLY A 183 19.16 17.32 -24.99
CA GLY A 183 18.96 18.37 -24.06
C GLY A 183 17.95 17.97 -23.02
N LEU A 184 17.67 18.91 -22.17
CA LEU A 184 16.77 18.75 -21.07
C LEU A 184 15.42 18.20 -21.40
N ASN A 185 14.82 18.68 -22.46
CA ASN A 185 13.45 18.31 -22.79
C ASN A 185 13.32 16.98 -23.56
N PRO A 186 14.24 16.71 -24.51
CA PRO A 186 14.15 15.38 -25.12
C PRO A 186 14.37 14.25 -24.12
N LEU A 187 15.23 14.47 -23.12
CA LEU A 187 15.41 13.50 -22.05
C LEU A 187 14.18 13.44 -21.14
N ALA A 188 13.68 14.61 -20.74
CA ALA A 188 12.48 14.67 -19.89
C ALA A 188 11.31 13.95 -20.57
N SER A 189 11.12 14.20 -21.86
CA SER A 189 10.06 13.57 -22.62
C SER A 189 10.22 12.06 -22.63
N GLU A 190 11.47 11.60 -22.72
CA GLU A 190 11.75 10.18 -22.78
C GLU A 190 11.59 9.55 -21.39
N LEU A 191 12.08 10.25 -20.37
CA LEU A 191 12.01 9.76 -19.00
C LEU A 191 10.55 9.66 -18.53
N THR A 192 9.75 10.69 -18.81
CA THR A 192 8.34 10.66 -18.42
C THR A 192 7.54 9.72 -19.31
N GLY A 193 8.02 9.50 -20.53
CA GLY A 193 7.35 8.63 -21.47
C GLY A 193 7.37 7.17 -21.03
N THR A 194 8.30 6.84 -20.14
CA THR A 194 8.42 5.48 -19.63
C THR A 194 7.20 5.07 -18.83
N ILE A 195 6.57 6.04 -18.16
CA ILE A 195 5.38 5.78 -17.35
C ILE A 195 4.27 5.15 -18.19
N GLY A 196 3.98 5.76 -19.32
CA GLY A 196 2.92 5.30 -20.20
C GLY A 196 3.12 3.88 -20.70
N GLU A 197 4.35 3.54 -21.04
CA GLU A 197 4.65 2.21 -21.59
C GLU A 197 4.88 1.17 -20.49
N ASP A 198 5.13 1.63 -19.27
CA ASP A 198 5.23 0.72 -18.14
C ASP A 198 3.86 0.18 -17.75
N GLN A 199 2.85 1.05 -17.81
CA GLN A 199 1.50 0.62 -17.45
C GLN A 199 0.91 -0.24 -18.55
N LYS A 200 1.24 0.07 -19.80
CA LYS A 200 0.79 -0.75 -20.92
C LYS A 200 1.36 -2.16 -20.79
N ARG A 201 2.62 -2.25 -20.39
CA ARG A 201 3.24 -3.54 -20.15
C ARG A 201 2.54 -4.26 -19.00
N ALA A 202 2.08 -3.49 -18.00
CA ALA A 202 1.32 -4.06 -16.89
C ALA A 202 -0.02 -4.62 -17.36
N GLU A 203 -0.68 -3.92 -18.27
CA GLU A 203 -1.94 -4.38 -18.81
C GLU A 203 -1.78 -5.61 -19.68
N VAL A 204 -0.69 -5.66 -20.45
CA VAL A 204 -0.45 -6.78 -21.36
C VAL A 204 0.12 -8.01 -20.64
N ALA A 205 1.08 -7.80 -19.76
CA ALA A 205 1.76 -8.91 -19.10
C ALA A 205 1.19 -9.25 -17.72
N ALA A 206 1.07 -8.25 -16.84
CA ALA A 206 0.69 -8.51 -15.46
C ALA A 206 -0.75 -9.02 -15.30
N ILE A 207 -1.70 -8.41 -16.01
CA ILE A 207 -3.12 -8.74 -15.86
C ILE A 207 -3.46 -10.22 -16.15
N PRO A 208 -2.99 -10.79 -17.28
CA PRO A 208 -3.34 -12.20 -17.50
C PRO A 208 -2.68 -13.13 -16.48
N LEU A 209 -1.48 -12.77 -16.02
CA LEU A 209 -0.77 -13.58 -15.05
C LEU A 209 -1.45 -13.52 -13.68
N VAL A 210 -2.04 -12.37 -13.37
CA VAL A 210 -2.76 -12.19 -12.10
C VAL A 210 -3.98 -13.12 -12.06
N ALA A 211 -4.69 -13.21 -13.18
CA ALA A 211 -5.85 -14.08 -13.29
C ALA A 211 -5.47 -15.54 -13.06
N VAL A 212 -4.30 -15.92 -13.55
CA VAL A 212 -3.82 -17.29 -13.40
C VAL A 212 -3.53 -17.61 -11.93
N VAL A 213 -2.80 -16.71 -11.26
CA VAL A 213 -2.51 -16.88 -9.85
C VAL A 213 -3.80 -16.85 -9.04
N LEU A 214 -4.69 -15.93 -9.39
CA LEU A 214 -5.98 -15.83 -8.71
C LEU A 214 -6.76 -17.13 -8.81
N PHE A 215 -6.81 -17.70 -10.01
CA PHE A 215 -7.52 -18.95 -10.20
C PHE A 215 -6.76 -20.11 -9.57
N PHE A 216 -5.43 -19.98 -9.48
CA PHE A 216 -4.62 -20.98 -8.82
C PHE A 216 -5.00 -21.09 -7.34
N VAL A 217 -5.06 -19.94 -6.67
CA VAL A 217 -5.36 -19.89 -5.24
C VAL A 217 -6.72 -20.53 -4.94
N PHE A 218 -7.75 -20.04 -5.63
CA PHE A 218 -9.09 -20.58 -5.48
C PHE A 218 -9.28 -21.77 -6.39
N GLY A 219 -10.53 -22.18 -6.60
CA GLY A 219 -10.81 -23.32 -7.45
C GLY A 219 -11.80 -22.98 -8.54
N THR A 220 -12.41 -21.82 -8.42
CA THR A 220 -13.44 -21.38 -9.36
C THR A 220 -13.22 -19.96 -9.83
N VAL A 221 -13.87 -19.58 -10.92
CA VAL A 221 -13.62 -18.28 -11.53
C VAL A 221 -14.27 -17.12 -10.77
N ILE A 222 -15.50 -17.31 -10.30
CA ILE A 222 -16.20 -16.26 -9.56
C ILE A 222 -15.41 -15.84 -8.34
N ALA A 223 -14.94 -16.83 -7.57
CA ALA A 223 -14.12 -16.55 -6.40
C ALA A 223 -12.79 -15.94 -6.81
N ALA A 224 -12.36 -16.23 -8.03
CA ALA A 224 -11.07 -15.74 -8.53
C ALA A 224 -11.20 -14.34 -9.12
N ALA A 225 -12.34 -14.08 -9.77
CA ALA A 225 -12.54 -12.82 -10.48
C ALA A 225 -12.78 -11.65 -9.54
N LEU A 226 -13.33 -11.93 -8.36
CA LEU A 226 -13.73 -10.87 -7.43
C LEU A 226 -12.56 -10.01 -6.91
N PRO A 227 -11.44 -10.62 -6.50
CA PRO A 227 -10.33 -9.74 -6.11
C PRO A 227 -9.82 -8.89 -7.27
N ALA A 228 -9.82 -9.44 -8.48
CA ALA A 228 -9.39 -8.71 -9.67
C ALA A 228 -10.28 -7.49 -9.88
N ILE A 229 -11.59 -7.69 -9.75
CA ILE A 229 -12.56 -6.62 -9.92
C ILE A 229 -12.35 -5.53 -8.87
N ILE A 230 -12.08 -5.94 -7.64
CA ILE A 230 -11.79 -5.01 -6.55
C ILE A 230 -10.56 -4.15 -6.87
N GLY A 231 -9.50 -4.79 -7.35
CA GLY A 231 -8.28 -4.10 -7.72
C GLY A 231 -8.54 -3.03 -8.75
N GLY A 232 -9.29 -3.39 -9.80
CA GLY A 232 -9.65 -2.46 -10.85
C GLY A 232 -10.47 -1.29 -10.31
N LEU A 233 -11.39 -1.58 -9.40
CA LEU A 233 -12.18 -0.53 -8.78
C LEU A 233 -11.32 0.35 -7.89
N ALA A 234 -10.30 -0.25 -7.29
CA ALA A 234 -9.36 0.48 -6.44
C ALA A 234 -8.50 1.42 -7.27
N ILE A 235 -7.98 0.91 -8.38
CA ILE A 235 -7.22 1.73 -9.31
C ILE A 235 -8.03 2.92 -9.80
N ALA A 236 -9.21 2.64 -10.34
CA ALA A 236 -10.09 3.65 -10.89
C ALA A 236 -10.39 4.77 -9.89
N GLY A 237 -10.84 4.39 -8.71
CA GLY A 237 -11.17 5.34 -7.68
C GLY A 237 -9.95 6.11 -7.19
N ALA A 238 -8.80 5.44 -7.10
CA ALA A 238 -7.58 6.08 -6.64
C ALA A 238 -7.08 7.10 -7.67
N LEU A 239 -7.19 6.76 -8.96
CA LEU A 239 -6.83 7.70 -10.00
C LEU A 239 -7.77 8.89 -9.99
N GLY A 240 -9.03 8.64 -9.64
CA GLY A 240 -10.01 9.68 -9.52
C GLY A 240 -9.69 10.59 -8.35
N ILE A 241 -9.32 9.96 -7.23
CA ILE A 241 -8.89 10.72 -6.06
C ILE A 241 -7.65 11.53 -6.38
N MET A 242 -6.67 10.89 -7.02
CA MET A 242 -5.42 11.57 -7.37
C MET A 242 -5.65 12.73 -8.32
N ARG A 243 -6.64 12.57 -9.19
CA ARG A 243 -7.05 13.66 -10.09
C ARG A 243 -7.61 14.82 -9.28
N LEU A 244 -8.41 14.50 -8.27
CA LEU A 244 -8.98 15.51 -7.38
C LEU A 244 -7.89 16.22 -6.60
N VAL A 245 -6.89 15.46 -6.17
CA VAL A 245 -5.75 16.00 -5.43
C VAL A 245 -4.95 16.95 -6.32
N ALA A 246 -4.93 16.68 -7.62
CA ALA A 246 -4.19 17.50 -8.58
C ALA A 246 -4.79 18.89 -8.73
N GLU A 247 -6.01 19.08 -8.22
CA GLU A 247 -6.69 20.37 -8.29
C GLU A 247 -6.18 21.33 -7.23
N PHE A 248 -5.55 20.78 -6.19
CA PHE A 248 -5.13 21.60 -5.05
C PHE A 248 -3.63 21.57 -4.82
N THR A 249 -2.95 20.57 -5.38
CA THR A 249 -1.51 20.44 -5.21
C THR A 249 -0.92 19.56 -6.32
N PRO A 250 0.31 19.88 -6.75
CA PRO A 250 0.98 19.15 -7.84
C PRO A 250 1.07 17.65 -7.60
N VAL A 251 0.82 16.87 -8.64
CA VAL A 251 0.91 15.41 -8.58
C VAL A 251 1.94 14.90 -9.59
N HIS A 252 2.94 14.19 -9.10
CA HIS A 252 4.06 13.78 -9.95
C HIS A 252 3.69 12.66 -10.92
N PHE A 253 4.40 12.61 -12.05
CA PHE A 253 4.28 11.52 -13.03
C PHE A 253 4.32 10.16 -12.36
N PHE A 254 5.22 10.02 -11.40
CA PHE A 254 5.51 8.73 -10.79
C PHE A 254 4.41 8.24 -9.86
N ALA A 255 3.45 9.11 -9.57
CA ALA A 255 2.34 8.74 -8.70
C ALA A 255 1.42 7.74 -9.39
N GLN A 256 1.28 7.88 -10.70
CA GLN A 256 0.41 7.01 -11.47
C GLN A 256 0.85 5.53 -11.47
N PRO A 257 2.13 5.25 -11.81
CA PRO A 257 2.50 3.82 -11.78
C PRO A 257 2.45 3.22 -10.38
N VAL A 258 2.72 4.03 -9.37
CA VAL A 258 2.66 3.59 -7.98
C VAL A 258 1.27 3.08 -7.63
N VAL A 259 0.24 3.73 -8.16
CA VAL A 259 -1.13 3.27 -7.97
C VAL A 259 -1.33 1.87 -8.50
N THR A 260 -0.74 1.56 -9.65
CA THR A 260 -0.88 0.23 -10.24
C THR A 260 0.18 -0.73 -9.69
N LEU A 261 1.38 -0.21 -9.42
CA LEU A 261 2.47 -1.04 -8.92
C LEU A 261 2.19 -1.53 -7.51
N ILE A 262 1.67 -0.64 -6.68
CA ILE A 262 1.42 -0.96 -5.29
C ILE A 262 -0.06 -1.17 -5.00
N GLY A 263 -0.87 -0.18 -5.36
CA GLY A 263 -2.29 -0.22 -5.06
C GLY A 263 -3.03 -1.42 -5.62
N LEU A 264 -2.85 -1.68 -6.91
CA LEU A 264 -3.54 -2.79 -7.57
C LEU A 264 -3.28 -4.11 -6.86
N GLY A 265 -2.01 -4.54 -6.86
CA GLY A 265 -1.63 -5.80 -6.26
C GLY A 265 -2.07 -5.95 -4.82
N ILE A 266 -1.92 -4.88 -4.05
CA ILE A 266 -2.32 -4.89 -2.65
C ILE A 266 -3.85 -4.95 -2.53
N ALA A 267 -4.54 -4.29 -3.45
CA ALA A 267 -6.00 -4.38 -3.50
C ALA A 267 -6.43 -5.81 -3.81
N ILE A 268 -5.71 -6.47 -4.73
CA ILE A 268 -5.98 -7.87 -5.03
C ILE A 268 -5.71 -8.72 -3.80
N ASP A 269 -4.61 -8.42 -3.11
CA ASP A 269 -4.22 -9.16 -1.91
C ASP A 269 -5.28 -9.09 -0.82
N TYR A 270 -5.81 -7.90 -0.58
CA TYR A 270 -6.86 -7.70 0.40
C TYR A 270 -8.09 -8.50 0.01
N GLY A 271 -8.49 -8.37 -1.26
CA GLY A 271 -9.65 -9.08 -1.76
C GLY A 271 -9.46 -10.59 -1.69
N LEU A 272 -8.21 -11.02 -1.78
CA LEU A 272 -7.88 -12.43 -1.73
C LEU A 272 -8.19 -13.01 -0.34
N PHE A 273 -7.91 -12.24 0.70
CA PHE A 273 -8.10 -12.71 2.07
C PHE A 273 -9.57 -12.67 2.49
N ILE A 274 -10.33 -11.76 1.90
CA ILE A 274 -11.76 -11.66 2.19
C ILE A 274 -12.53 -12.82 1.57
N VAL A 275 -12.32 -13.04 0.28
CA VAL A 275 -13.02 -14.10 -0.44
C VAL A 275 -12.65 -15.46 0.14
N SER A 276 -11.38 -15.61 0.51
CA SER A 276 -10.90 -16.88 1.07
C SER A 276 -11.52 -17.16 2.43
N ARG A 277 -11.70 -16.13 3.24
CA ARG A 277 -12.30 -16.30 4.55
C ARG A 277 -13.78 -16.62 4.41
N PHE A 278 -14.43 -15.95 3.46
CA PHE A 278 -15.84 -16.20 3.18
C PHE A 278 -16.06 -17.64 2.72
N ARG A 279 -15.24 -18.08 1.77
CA ARG A 279 -15.27 -19.46 1.30
C ARG A 279 -15.03 -20.43 2.45
N GLU A 280 -14.13 -20.04 3.35
CA GLU A 280 -13.78 -20.87 4.50
C GLU A 280 -14.95 -20.97 5.48
N GLU A 281 -15.70 -19.89 5.63
CA GLU A 281 -16.84 -19.88 6.54
C GLU A 281 -18.03 -20.65 5.96
N ILE A 282 -18.14 -20.66 4.63
CA ILE A 282 -19.19 -21.42 3.96
C ILE A 282 -18.86 -22.91 4.00
N ALA A 283 -17.57 -23.22 4.07
CA ALA A 283 -17.12 -24.61 4.23
C ALA A 283 -17.66 -25.16 5.54
N GLU A 284 -17.58 -24.34 6.58
CA GLU A 284 -18.30 -24.62 7.82
C GLU A 284 -19.77 -24.30 7.53
N GLY A 285 -20.68 -24.77 8.36
CA GLY A 285 -22.08 -24.62 8.03
C GLY A 285 -22.69 -23.25 8.24
N TYR A 286 -21.87 -22.21 8.14
CA TYR A 286 -22.35 -20.86 8.41
C TYR A 286 -23.24 -20.32 7.30
N ASP A 287 -24.30 -19.64 7.70
CA ASP A 287 -25.20 -18.95 6.80
C ASP A 287 -24.43 -17.94 5.96
N THR A 288 -25.00 -17.54 4.83
CA THR A 288 -24.39 -16.49 4.01
C THR A 288 -24.28 -15.20 4.82
N GLU A 289 -25.36 -14.87 5.52
CA GLU A 289 -25.41 -13.70 6.40
C GLU A 289 -24.35 -13.81 7.49
N ALA A 290 -24.23 -15.00 8.08
CA ALA A 290 -23.25 -15.22 9.14
C ALA A 290 -21.83 -15.21 8.59
N ALA A 291 -21.64 -15.82 7.43
CA ALA A 291 -20.30 -15.93 6.83
C ALA A 291 -19.72 -14.55 6.54
N VAL A 292 -20.54 -13.69 5.93
CA VAL A 292 -20.10 -12.33 5.61
C VAL A 292 -19.70 -11.59 6.88
N ARG A 293 -20.49 -11.75 7.93
CA ARG A 293 -20.19 -11.10 9.21
C ARG A 293 -18.86 -11.59 9.76
N ARG A 294 -18.71 -12.88 9.97
CA ARG A 294 -17.51 -13.42 10.56
C ARG A 294 -16.31 -13.15 9.71
N THR A 295 -16.55 -13.27 8.42
CA THR A 295 -15.50 -13.01 7.49
C THR A 295 -15.10 -11.60 7.60
N VAL A 296 -16.07 -10.71 7.62
CA VAL A 296 -15.77 -9.31 7.67
C VAL A 296 -15.03 -9.01 8.91
N MET A 297 -15.41 -9.50 10.07
CA MET A 297 -14.68 -9.13 11.25
C MET A 297 -13.24 -9.59 11.20
N THR A 298 -13.04 -10.86 10.90
CA THR A 298 -11.66 -11.31 10.94
C THR A 298 -10.78 -10.71 9.86
N SER A 299 -11.32 -10.78 8.66
CA SER A 299 -10.52 -10.36 7.55
C SER A 299 -10.35 -8.90 7.50
N GLY A 300 -11.41 -8.24 7.87
CA GLY A 300 -11.46 -6.81 7.82
C GLY A 300 -10.52 -6.26 8.79
N ARG A 301 -10.47 -6.86 9.97
CA ARG A 301 -9.57 -6.37 10.96
C ARG A 301 -8.19 -6.52 10.42
N THR A 302 -7.84 -7.67 9.85
CA THR A 302 -6.52 -7.75 9.29
C THR A 302 -6.27 -6.82 8.11
N VAL A 303 -7.22 -6.71 7.20
CA VAL A 303 -7.08 -5.89 6.00
C VAL A 303 -7.12 -4.40 6.35
N VAL A 304 -8.08 -4.01 7.18
CA VAL A 304 -8.17 -2.63 7.64
C VAL A 304 -6.88 -2.24 8.36
N PHE A 305 -6.42 -3.12 9.27
CA PHE A 305 -5.17 -2.89 9.98
C PHE A 305 -3.99 -2.81 9.01
N SER A 306 -3.99 -3.70 8.02
CA SER A 306 -2.91 -3.75 7.04
C SER A 306 -2.84 -2.47 6.23
N ALA A 307 -4.00 -1.92 5.90
CA ALA A 307 -4.07 -0.69 5.14
C ALA A 307 -3.54 0.48 5.97
N VAL A 308 -4.03 0.59 7.21
CA VAL A 308 -3.61 1.66 8.10
C VAL A 308 -2.10 1.59 8.32
N ILE A 309 -1.59 0.36 8.45
CA ILE A 309 -0.17 0.13 8.64
C ILE A 309 0.67 0.69 7.50
N ILE A 310 0.20 0.49 6.27
CA ILE A 310 0.89 1.03 5.10
C ILE A 310 0.76 2.55 5.06
N VAL A 311 -0.41 3.05 5.41
CA VAL A 311 -0.61 4.48 5.58
C VAL A 311 0.37 5.01 6.63
N ALA A 312 0.48 4.27 7.73
CA ALA A 312 1.41 4.63 8.80
C ALA A 312 2.85 4.51 8.33
N SER A 313 3.06 3.77 7.23
CA SER A 313 4.39 3.60 6.67
C SER A 313 4.68 4.64 5.61
N SER A 314 3.63 5.18 5.00
CA SER A 314 3.78 6.14 3.91
C SER A 314 3.78 7.57 4.41
N VAL A 315 2.91 7.86 5.38
CA VAL A 315 2.82 9.19 5.97
C VAL A 315 4.17 9.82 6.37
N PRO A 316 5.09 9.06 7.00
CA PRO A 316 6.39 9.66 7.34
C PRO A 316 7.14 10.28 6.15
N LEU A 317 6.83 9.85 4.93
CA LEU A 317 7.46 10.43 3.74
C LEU A 317 7.10 11.89 3.57
N LEU A 318 6.05 12.34 4.25
CA LEU A 318 5.62 13.73 4.17
C LEU A 318 6.59 14.64 4.92
N LEU A 319 7.47 14.04 5.71
CA LEU A 319 8.53 14.78 6.38
C LEU A 319 9.54 15.33 5.37
N PHE A 320 9.71 14.61 4.26
CA PHE A 320 10.61 15.05 3.20
C PHE A 320 9.94 16.13 2.37
N PRO A 321 10.72 17.14 1.94
CA PRO A 321 10.18 18.30 1.22
C PRO A 321 9.98 18.08 -0.27
N GLN A 322 10.57 17.03 -0.82
CA GLN A 322 10.41 16.72 -2.24
C GLN A 322 8.95 16.47 -2.58
N GLY A 323 8.39 17.32 -3.45
CA GLY A 323 7.01 17.17 -3.87
C GLY A 323 6.78 15.84 -4.56
N PHE A 324 7.87 15.28 -5.08
CA PHE A 324 7.88 13.94 -5.64
C PHE A 324 7.34 12.93 -4.62
N LEU A 325 7.90 12.94 -3.43
CA LEU A 325 7.52 11.98 -2.39
C LEU A 325 6.13 12.25 -1.84
N LYS A 326 5.70 13.50 -1.89
CA LYS A 326 4.39 13.87 -1.35
C LYS A 326 3.27 13.33 -2.25
N SER A 327 3.42 13.49 -3.55
CA SER A 327 2.42 13.00 -4.51
C SER A 327 2.28 11.48 -4.41
N ILE A 328 3.41 10.80 -4.31
CA ILE A 328 3.42 9.35 -4.24
C ILE A 328 2.79 8.86 -2.95
N THR A 329 3.15 9.51 -1.84
CA THR A 329 2.55 9.20 -0.55
C THR A 329 1.03 9.26 -0.61
N TYR A 330 0.51 10.35 -1.18
CA TYR A 330 -0.93 10.50 -1.37
C TYR A 330 -1.50 9.34 -2.17
N ALA A 331 -0.82 9.00 -3.27
CA ALA A 331 -1.26 7.93 -4.15
C ALA A 331 -1.31 6.59 -3.42
N ILE A 332 -0.29 6.30 -2.62
CA ILE A 332 -0.26 5.06 -1.86
C ILE A 332 -1.43 5.02 -0.87
N ILE A 333 -1.56 6.09 -0.09
CA ILE A 333 -2.64 6.22 0.89
C ILE A 333 -4.00 6.03 0.23
N ALA A 334 -4.22 6.75 -0.86
CA ALA A 334 -5.49 6.67 -1.59
C ALA A 334 -5.75 5.25 -2.06
N SER A 335 -4.72 4.60 -2.59
CA SER A 335 -4.83 3.26 -3.11
C SER A 335 -5.18 2.24 -2.04
N VAL A 336 -4.31 2.09 -1.03
CA VAL A 336 -4.49 1.04 -0.03
C VAL A 336 -5.69 1.29 0.87
N MET A 337 -6.07 2.56 1.04
CA MET A 337 -7.25 2.86 1.86
C MET A 337 -8.51 2.50 1.09
N LEU A 338 -8.57 2.91 -0.17
CA LEU A 338 -9.71 2.56 -1.01
C LEU A 338 -9.78 1.05 -1.18
N ALA A 339 -8.62 0.40 -1.19
CA ALA A 339 -8.54 -1.05 -1.30
C ALA A 339 -9.19 -1.71 -0.08
N ALA A 340 -8.82 -1.24 1.10
CA ALA A 340 -9.37 -1.76 2.35
C ALA A 340 -10.87 -1.52 2.44
N ILE A 341 -11.29 -0.31 2.08
CA ILE A 341 -12.70 0.04 2.11
C ILE A 341 -13.47 -0.82 1.12
N LEU A 342 -12.95 -0.94 -0.10
CA LEU A 342 -13.60 -1.74 -1.13
C LEU A 342 -13.68 -3.21 -0.74
N SER A 343 -12.66 -3.71 -0.05
CA SER A 343 -12.61 -5.13 0.29
C SER A 343 -13.57 -5.50 1.42
N ILE A 344 -14.09 -4.50 2.12
CA ILE A 344 -15.05 -4.76 3.18
C ILE A 344 -16.40 -4.09 2.89
N THR A 345 -16.55 -3.53 1.70
CA THR A 345 -17.83 -2.96 1.29
C THR A 345 -18.37 -3.65 0.04
N VAL A 346 -17.83 -3.29 -1.11
CA VAL A 346 -18.26 -3.88 -2.38
C VAL A 346 -18.10 -5.40 -2.37
N LEU A 347 -16.94 -5.87 -1.94
CA LEU A 347 -16.64 -7.28 -1.96
C LEU A 347 -17.51 -8.07 -0.98
N ALA A 348 -17.67 -7.54 0.23
CA ALA A 348 -18.46 -8.20 1.26
C ALA A 348 -19.93 -8.31 0.85
N ALA A 349 -20.47 -7.23 0.31
CA ALA A 349 -21.85 -7.21 -0.16
C ALA A 349 -22.06 -8.17 -1.33
N ALA A 350 -21.05 -8.25 -2.19
CA ALA A 350 -21.09 -9.17 -3.33
C ALA A 350 -21.16 -10.62 -2.87
N LEU A 351 -20.33 -10.95 -1.88
CA LEU A 351 -20.33 -12.29 -1.31
C LEU A 351 -21.64 -12.59 -0.59
N ALA A 352 -22.28 -11.53 -0.09
CA ALA A 352 -23.55 -11.67 0.61
C ALA A 352 -24.68 -11.95 -0.37
N ILE A 353 -24.56 -11.39 -1.57
CA ILE A 353 -25.54 -11.64 -2.63
C ILE A 353 -25.29 -13.01 -3.23
N LEU A 354 -24.04 -13.30 -3.55
CA LEU A 354 -23.66 -14.57 -4.15
C LEU A 354 -23.89 -15.73 -3.18
N GLY A 355 -23.39 -15.59 -1.95
CA GLY A 355 -23.46 -16.67 -1.00
C GLY A 355 -22.58 -17.81 -1.46
N PRO A 356 -23.12 -19.03 -1.49
CA PRO A 356 -22.35 -20.18 -1.99
C PRO A 356 -22.21 -20.18 -3.50
N ARG A 357 -22.88 -19.24 -4.19
CA ARG A 357 -22.86 -19.19 -5.64
C ARG A 357 -21.49 -18.75 -6.17
N VAL A 358 -20.61 -18.33 -5.27
CA VAL A 358 -19.21 -18.08 -5.65
C VAL A 358 -18.62 -19.37 -6.19
N ASP A 359 -18.96 -20.51 -5.63
CA ASP A 359 -18.29 -21.68 -6.17
C ASP A 359 -19.01 -22.33 -7.30
N ALA A 360 -19.73 -21.54 -8.06
CA ALA A 360 -20.46 -22.06 -9.19
C ALA A 360 -19.56 -22.50 -10.34
N LEU A 361 -19.04 -21.55 -11.10
CA LEU A 361 -18.22 -21.88 -12.27
C LEU A 361 -16.86 -22.50 -12.02
N GLY A 362 -16.42 -23.33 -12.96
CA GLY A 362 -15.17 -24.05 -12.88
C GLY A 362 -14.27 -23.79 -14.07
N VAL A 363 -13.12 -24.47 -14.15
CA VAL A 363 -12.22 -24.09 -15.22
C VAL A 363 -12.98 -24.03 -16.54
N THR A 364 -13.93 -24.95 -16.69
CA THR A 364 -14.68 -25.11 -17.92
C THR A 364 -15.81 -24.09 -18.07
N THR A 365 -15.43 -22.86 -18.40
CA THR A 365 -16.41 -21.85 -18.80
C THR A 365 -15.81 -21.10 -19.98
N LEU A 366 -15.75 -21.78 -21.12
CA LEU A 366 -15.10 -21.25 -22.31
C LEU A 366 -16.08 -20.52 -23.21
N LEU A 367 -15.67 -19.34 -23.66
CA LEU A 367 -16.43 -18.60 -24.66
C LEU A 367 -15.50 -18.11 -25.77
N LYS A 368 -14.52 -17.31 -25.40
CA LYS A 368 -13.57 -16.78 -26.37
C LYS A 368 -12.16 -17.35 -26.16
N GLY A 401 -0.91 -31.65 3.39
CA GLY A 401 -0.42 -30.87 4.51
C GLY A 401 1.02 -30.43 4.34
N PHE A 402 1.33 -29.89 3.16
CA PHE A 402 2.66 -29.38 2.89
C PHE A 402 3.03 -28.28 3.88
N TRP A 403 2.31 -27.17 3.83
CA TRP A 403 2.48 -26.09 4.81
C TRP A 403 2.28 -26.65 6.21
N GLY A 404 1.37 -27.60 6.33
CA GLY A 404 1.16 -28.31 7.58
C GLY A 404 2.44 -28.95 8.07
N ARG A 405 3.11 -29.70 7.20
CA ARG A 405 4.33 -30.41 7.59
C ARG A 405 5.59 -29.56 7.34
N LEU A 406 5.47 -28.50 6.56
CA LEU A 406 6.63 -27.63 6.38
C LEU A 406 6.84 -26.77 7.62
N VAL A 407 5.77 -26.47 8.34
CA VAL A 407 5.87 -25.55 9.47
C VAL A 407 6.32 -26.24 10.77
N ASN A 408 6.03 -27.53 10.91
CA ASN A 408 6.34 -28.24 12.16
C ASN A 408 7.75 -28.81 12.16
N VAL A 409 8.26 -29.16 10.98
CA VAL A 409 9.62 -29.66 10.86
C VAL A 409 10.59 -28.58 11.31
N VAL A 410 10.25 -27.34 10.99
CA VAL A 410 11.04 -26.19 11.41
C VAL A 410 11.04 -26.08 12.93
N MET A 411 9.89 -26.34 13.54
CA MET A 411 9.69 -25.91 14.92
C MET A 411 10.59 -26.53 16.01
N LYS A 412 10.91 -27.81 15.85
CA LYS A 412 11.70 -28.53 16.85
C LYS A 412 13.18 -28.46 16.61
N ARG A 413 13.56 -27.67 15.62
CA ARG A 413 14.95 -27.45 15.28
C ARG A 413 14.97 -26.05 14.75
N PRO A 414 14.29 -25.14 15.45
CA PRO A 414 14.20 -23.78 14.96
C PRO A 414 15.53 -23.09 14.83
N ILE A 415 16.43 -23.34 15.76
CA ILE A 415 17.72 -22.68 15.71
C ILE A 415 18.60 -23.15 14.57
N ALA A 416 18.40 -24.36 14.08
CA ALA A 416 19.16 -24.84 12.96
C ALA A 416 18.75 -24.06 11.74
N PHE A 417 17.61 -23.39 11.84
CA PHE A 417 17.12 -22.68 10.67
C PHE A 417 17.35 -21.19 10.85
N ALA A 418 17.13 -20.71 12.07
CA ALA A 418 17.33 -19.31 12.41
C ALA A 418 18.74 -18.87 12.06
N ALA A 419 19.72 -19.35 12.83
CA ALA A 419 21.12 -18.91 12.73
C ALA A 419 21.64 -18.69 11.29
N PRO A 420 21.53 -19.70 10.40
CA PRO A 420 22.07 -19.46 9.07
C PRO A 420 21.33 -18.37 8.30
N ILE A 421 20.02 -18.28 8.50
CA ILE A 421 19.23 -17.23 7.85
C ILE A 421 19.71 -15.84 8.23
N LEU A 422 19.85 -15.59 9.54
CA LEU A 422 20.22 -14.27 10.04
C LEU A 422 21.62 -13.84 9.62
N VAL A 423 22.54 -14.80 9.48
CA VAL A 423 23.90 -14.48 9.07
C VAL A 423 23.92 -13.91 7.66
N VAL A 424 23.29 -14.62 6.73
CA VAL A 424 23.22 -14.18 5.35
C VAL A 424 22.54 -12.82 5.24
N MET A 425 21.42 -12.67 5.92
CA MET A 425 20.66 -11.42 5.89
C MET A 425 21.50 -10.24 6.36
N VAL A 426 22.33 -10.45 7.37
CA VAL A 426 23.26 -9.42 7.82
C VAL A 426 24.37 -9.23 6.78
N LEU A 427 24.84 -10.34 6.22
CA LEU A 427 25.84 -10.30 5.17
C LEU A 427 25.29 -9.69 3.88
N LEU A 428 23.96 -9.62 3.78
CA LEU A 428 23.33 -8.97 2.63
C LEU A 428 23.19 -7.48 2.87
N ILE A 429 23.56 -7.02 4.06
CA ILE A 429 23.54 -5.60 4.38
C ILE A 429 24.92 -4.99 4.12
N ILE A 430 25.92 -5.83 3.90
CA ILE A 430 27.27 -5.33 3.65
C ILE A 430 27.47 -4.57 2.34
N PRO A 431 26.66 -4.84 1.29
CA PRO A 431 26.94 -3.97 0.13
C PRO A 431 26.30 -2.59 0.27
N LEU A 432 25.60 -2.36 1.37
CA LEU A 432 24.90 -1.09 1.59
C LEU A 432 25.86 0.07 1.80
N GLY A 433 27.05 -0.23 2.32
CA GLY A 433 28.04 0.81 2.56
C GLY A 433 28.52 1.48 1.29
N GLN A 434 28.27 0.84 0.15
CA GLN A 434 28.73 1.36 -1.12
C GLN A 434 27.65 2.23 -1.79
N LEU A 435 26.49 2.34 -1.14
CA LEU A 435 25.37 3.10 -1.69
C LEU A 435 25.75 4.57 -1.87
N SER A 436 25.51 5.08 -3.08
CA SER A 436 25.77 6.48 -3.39
C SER A 436 24.53 7.14 -3.97
N LEU A 437 24.48 8.47 -3.89
CA LEU A 437 23.32 9.21 -4.37
C LEU A 437 23.73 10.27 -5.39
N GLY A 438 22.83 10.54 -6.33
CA GLY A 438 23.08 11.52 -7.37
C GLY A 438 21.78 12.03 -7.97
N GLY A 439 21.88 12.98 -8.88
CA GLY A 439 20.71 13.57 -9.48
C GLY A 439 20.28 12.86 -10.75
N ILE A 440 19.21 13.33 -11.36
CA ILE A 440 18.73 12.76 -12.61
C ILE A 440 19.76 12.98 -13.72
N SER A 441 19.97 11.95 -14.51
CA SER A 441 20.92 12.01 -15.63
C SER A 441 20.33 11.32 -16.85
N GLU A 442 20.99 11.47 -17.98
CA GLU A 442 20.61 10.72 -19.17
C GLU A 442 20.87 9.23 -18.94
N LYS A 443 21.72 8.92 -17.97
CA LYS A 443 22.05 7.53 -17.64
C LYS A 443 20.88 6.83 -16.94
N TYR A 444 19.79 7.57 -16.72
CA TYR A 444 18.58 6.99 -16.14
C TYR A 444 17.84 6.15 -17.17
N LEU A 445 18.14 6.40 -18.44
CA LEU A 445 17.61 5.61 -19.55
C LEU A 445 18.57 4.46 -19.86
N PRO A 446 18.11 3.44 -20.59
CA PRO A 446 19.01 2.35 -20.99
C PRO A 446 20.10 2.83 -21.95
N PRO A 447 21.24 2.13 -21.98
CA PRO A 447 22.37 2.50 -22.84
C PRO A 447 22.03 2.54 -24.34
N ASP A 448 20.97 1.82 -24.73
CA ASP A 448 20.62 1.75 -26.16
C ASP A 448 19.42 2.64 -26.50
N ASN A 449 19.07 3.52 -25.59
CA ASN A 449 18.02 4.51 -25.85
C ASN A 449 18.54 5.57 -26.79
N ALA A 450 17.78 5.86 -27.85
CA ALA A 450 18.23 6.79 -28.87
C ALA A 450 18.43 8.21 -28.31
N VAL A 451 17.57 8.61 -27.38
CA VAL A 451 17.66 9.96 -26.84
C VAL A 451 18.87 10.11 -25.91
N ARG A 452 19.14 9.08 -25.11
CA ARG A 452 20.33 9.08 -24.26
C ARG A 452 21.59 9.23 -25.10
N GLN A 453 21.62 8.53 -26.22
CA GLN A 453 22.79 8.52 -27.08
C GLN A 453 22.96 9.84 -27.82
N SER A 454 21.86 10.47 -28.21
CA SER A 454 21.93 11.80 -28.81
C SER A 454 22.65 12.75 -27.85
N GLN A 455 22.30 12.63 -26.58
CA GLN A 455 22.93 13.40 -25.52
C GLN A 455 24.40 13.04 -25.37
N GLU A 456 24.68 11.75 -25.22
CA GLU A 456 26.05 11.28 -25.04
C GLU A 456 26.93 11.63 -26.23
N GLN A 457 26.32 11.75 -27.40
CA GLN A 457 27.04 12.16 -28.59
C GLN A 457 27.19 13.68 -28.67
N PHE A 458 26.26 14.41 -28.07
CA PHE A 458 26.39 15.86 -27.97
C PHE A 458 27.61 16.19 -27.12
N ASP A 459 27.71 15.52 -25.98
CA ASP A 459 28.82 15.72 -25.06
C ASP A 459 30.14 15.21 -25.65
N LYS A 460 30.05 14.28 -26.59
CA LYS A 460 31.23 13.74 -27.25
C LYS A 460 31.71 14.68 -28.37
N LEU A 461 30.77 15.24 -29.12
CA LEU A 461 31.09 16.11 -30.23
C LEU A 461 31.33 17.54 -29.79
N PHE A 462 30.60 17.98 -28.77
CA PHE A 462 30.74 19.33 -28.26
C PHE A 462 30.96 19.31 -26.74
N PRO A 463 32.19 19.00 -26.32
CA PRO A 463 32.57 18.69 -24.94
C PRO A 463 32.44 19.84 -23.93
N GLY A 464 32.37 21.07 -24.40
CA GLY A 464 32.44 22.20 -23.48
C GLY A 464 31.12 22.80 -23.02
N PHE A 465 30.06 22.58 -23.79
CA PHE A 465 28.83 23.33 -23.60
C PHE A 465 27.97 22.87 -22.43
N ARG A 466 28.03 21.58 -22.09
CA ARG A 466 27.23 21.07 -20.99
C ARG A 466 27.90 21.36 -19.66
N THR A 467 27.40 22.39 -18.97
CA THR A 467 27.97 22.79 -17.70
C THR A 467 26.91 22.81 -16.61
N GLU A 468 27.35 22.67 -15.36
CA GLU A 468 26.48 22.86 -14.22
C GLU A 468 27.22 23.67 -13.16
N PRO A 469 27.31 24.98 -13.36
CA PRO A 469 28.03 25.86 -12.44
C PRO A 469 27.28 26.11 -11.14
N LEU A 470 28.03 26.38 -10.07
CA LEU A 470 27.44 26.86 -8.83
C LEU A 470 27.24 28.36 -8.94
N THR A 471 26.15 28.86 -8.39
CA THR A 471 25.83 30.27 -8.50
C THR A 471 25.90 30.98 -7.16
N LEU A 472 26.37 32.22 -7.18
CA LEU A 472 26.29 33.09 -6.02
C LEU A 472 25.21 34.14 -6.26
N VAL A 473 23.99 33.85 -5.82
CA VAL A 473 22.88 34.78 -5.99
C VAL A 473 22.89 35.81 -4.88
N MET A 474 23.28 37.03 -5.23
CA MET A 474 23.40 38.10 -4.26
C MET A 474 22.13 38.95 -4.23
N LYS A 475 21.60 39.17 -3.02
CA LYS A 475 20.41 39.98 -2.86
C LYS A 475 20.55 40.98 -1.72
N ARG A 476 20.44 42.27 -2.05
CA ARG A 476 20.35 43.31 -1.04
C ARG A 476 18.94 43.36 -0.48
N GLU A 477 18.80 43.28 0.84
CA GLU A 477 17.50 43.51 1.49
C GLU A 477 17.09 44.94 1.16
N ASP A 478 18.08 45.82 1.15
CA ASP A 478 17.96 47.16 0.61
C ASP A 478 17.55 47.08 -0.87
N GLY A 479 16.78 48.06 -1.34
CA GLY A 479 16.24 48.00 -2.69
C GLY A 479 17.07 48.69 -3.76
N GLU A 480 18.28 49.10 -3.42
CA GLU A 480 19.13 49.84 -4.36
C GLU A 480 20.18 48.93 -5.01
N PRO A 481 20.67 49.32 -6.21
CA PRO A 481 21.61 48.51 -7.01
C PRO A 481 22.85 47.99 -6.29
N ILE A 482 23.42 46.92 -6.83
CA ILE A 482 24.70 46.41 -6.38
C ILE A 482 25.82 47.01 -7.21
N THR A 483 26.78 47.66 -6.55
CA THR A 483 27.87 48.32 -7.25
C THR A 483 28.89 47.31 -7.79
N ASP A 484 29.77 47.77 -8.67
CA ASP A 484 30.77 46.91 -9.27
C ASP A 484 31.83 46.50 -8.25
N ALA A 485 32.08 47.37 -7.28
CA ALA A 485 33.03 47.08 -6.22
C ALA A 485 32.44 46.10 -5.22
N GLN A 486 31.11 46.03 -5.18
CA GLN A 486 30.43 45.10 -4.29
C GLN A 486 30.48 43.68 -4.84
N ILE A 487 30.46 43.57 -6.17
CA ILE A 487 30.65 42.28 -6.83
C ILE A 487 32.11 41.88 -6.74
N ALA A 488 32.99 42.88 -6.85
CA ALA A 488 34.43 42.66 -6.72
C ALA A 488 34.75 42.08 -5.34
N ASP A 489 33.99 42.52 -4.34
CA ASP A 489 34.11 42.01 -2.98
C ASP A 489 33.82 40.51 -2.98
N MET A 490 32.65 40.14 -3.49
CA MET A 490 32.22 38.75 -3.51
C MET A 490 33.11 37.88 -4.39
N ARG A 491 33.55 38.40 -5.53
CA ARG A 491 34.47 37.67 -6.40
C ARG A 491 35.77 37.39 -5.69
N ALA A 492 36.30 38.40 -5.00
CA ALA A 492 37.52 38.24 -4.22
C ALA A 492 37.33 37.15 -3.16
N LYS A 493 36.17 37.16 -2.50
CA LYS A 493 35.86 36.14 -1.51
C LYS A 493 35.64 34.78 -2.18
N ALA A 494 35.11 34.81 -3.39
CA ALA A 494 34.84 33.58 -4.14
C ALA A 494 36.14 32.99 -4.71
N LEU A 495 36.99 33.84 -5.25
CA LEU A 495 38.29 33.40 -5.80
C LEU A 495 39.14 32.76 -4.70
N THR A 496 38.83 33.10 -3.46
CA THR A 496 39.49 32.50 -2.30
C THR A 496 39.24 31.00 -2.24
N VAL A 497 38.00 30.61 -2.54
CA VAL A 497 37.62 29.19 -2.51
C VAL A 497 38.39 28.40 -3.56
N SER A 498 38.77 27.18 -3.20
CA SER A 498 39.84 26.45 -3.88
C SER A 498 39.51 25.92 -5.28
N GLY A 499 38.55 25.00 -5.37
CA GLY A 499 38.46 24.14 -6.54
C GLY A 499 37.49 24.48 -7.65
N PHE A 500 37.35 25.76 -8.00
CA PHE A 500 36.49 26.12 -9.11
C PHE A 500 37.28 26.15 -10.41
N THR A 501 36.60 25.84 -11.51
CA THR A 501 37.25 25.72 -12.80
C THR A 501 37.89 27.01 -13.26
N ASP A 502 39.08 26.88 -13.83
CA ASP A 502 39.73 28.01 -14.46
C ASP A 502 40.28 27.61 -15.83
N PRO A 503 39.43 27.31 -16.77
CA PRO A 503 39.88 27.37 -18.15
C PRO A 503 40.23 28.83 -18.37
N ASP A 504 41.18 29.14 -19.24
CA ASP A 504 41.47 30.55 -19.47
C ASP A 504 41.82 31.18 -18.13
N ASN A 505 42.79 30.60 -17.45
CA ASN A 505 42.94 30.76 -16.01
C ASN A 505 43.59 32.05 -15.58
N ASP A 506 42.82 33.11 -15.72
CA ASP A 506 42.92 34.40 -14.99
C ASP A 506 41.78 34.35 -13.96
N PRO A 507 42.05 34.65 -12.69
CA PRO A 507 41.01 34.77 -11.66
C PRO A 507 39.98 35.87 -11.96
N GLU A 508 40.41 36.93 -12.62
CA GLU A 508 39.56 38.09 -12.90
C GLU A 508 38.30 37.74 -13.67
N LYS A 509 38.51 36.77 -14.55
CA LYS A 509 37.57 36.28 -15.53
C LYS A 509 36.80 35.09 -15.02
N MET A 510 37.20 34.61 -13.85
CA MET A 510 36.49 33.57 -13.16
C MET A 510 35.25 34.21 -12.54
N TRP A 511 34.26 33.38 -12.22
CA TRP A 511 32.99 33.85 -11.65
C TRP A 511 32.34 34.92 -12.52
N LYS A 512 32.14 34.60 -13.80
CA LYS A 512 31.41 35.46 -14.72
C LYS A 512 30.00 35.67 -14.23
N GLU A 513 29.41 36.80 -14.59
CA GLU A 513 28.02 37.07 -14.28
C GLU A 513 27.12 36.17 -15.11
N ARG A 514 26.05 35.66 -14.50
CA ARG A 514 25.09 34.82 -15.19
C ARG A 514 24.50 35.54 -16.39
N PRO A 515 24.33 34.82 -17.51
CA PRO A 515 23.73 35.41 -18.71
C PRO A 515 22.31 35.90 -18.45
N ALA A 516 21.98 37.08 -18.97
CA ALA A 516 20.66 37.65 -18.78
C ALA A 516 19.87 37.66 -20.09
N ASN A 517 18.67 37.10 -20.06
CA ASN A 517 17.79 37.11 -21.23
C ASN A 517 16.51 37.92 -21.01
N ASP A 518 15.68 37.99 -22.04
CA ASP A 518 14.52 38.88 -22.06
C ASP A 518 13.43 38.54 -21.06
N SER A 519 13.53 37.37 -20.43
CA SER A 519 12.52 36.94 -19.47
C SER A 519 12.80 37.48 -18.07
N GLY A 520 13.99 38.03 -17.88
CA GLY A 520 14.41 38.52 -16.58
C GLY A 520 13.94 39.91 -16.23
N SER A 521 13.70 40.16 -14.94
CA SER A 521 13.28 41.48 -14.48
C SER A 521 14.45 42.46 -14.54
N LYS A 522 15.67 41.92 -14.49
CA LYS A 522 16.91 42.70 -14.56
C LYS A 522 16.99 43.73 -13.44
N ASP A 523 16.43 43.40 -12.30
CA ASP A 523 16.47 44.27 -11.12
C ASP A 523 17.91 44.40 -10.62
N PRO A 524 18.43 45.64 -10.59
CA PRO A 524 19.81 45.89 -10.19
C PRO A 524 20.10 45.51 -8.74
N SER A 525 19.05 45.26 -7.97
CA SER A 525 19.19 44.84 -6.57
C SER A 525 19.73 43.42 -6.47
N VAL A 526 19.58 42.65 -7.54
CA VAL A 526 20.03 41.27 -7.54
C VAL A 526 21.02 41.01 -8.67
N ARG A 527 22.18 40.46 -8.32
CA ARG A 527 23.17 40.07 -9.32
C ARG A 527 23.68 38.67 -9.03
N VAL A 528 23.91 37.89 -10.10
CA VAL A 528 24.34 36.51 -9.96
C VAL A 528 25.69 36.27 -10.64
N ILE A 529 26.64 35.71 -9.91
CA ILE A 529 27.89 35.26 -10.50
C ILE A 529 28.01 33.74 -10.36
N GLN A 530 28.64 33.10 -11.34
CA GLN A 530 28.70 31.65 -11.37
C GLN A 530 30.00 31.12 -11.99
N ASN A 531 30.54 30.04 -11.42
CA ASN A 531 31.69 29.35 -12.00
C ASN A 531 31.44 27.84 -11.99
N GLY A 532 32.11 27.12 -12.88
CA GLY A 532 31.94 25.68 -12.96
C GLY A 532 32.69 25.03 -11.82
N LEU A 533 32.73 23.73 -11.78
CA LEU A 533 33.40 23.08 -10.69
C LEU A 533 34.46 22.16 -11.17
N GLU A 534 35.54 22.14 -10.42
CA GLU A 534 36.62 21.26 -10.75
C GLU A 534 36.34 20.08 -9.88
N ASN A 535 36.27 18.93 -10.55
CA ASN A 535 36.16 17.58 -9.98
C ASN A 535 34.82 17.18 -9.39
N ARG A 536 33.85 18.07 -9.39
CA ARG A 536 32.43 17.70 -9.18
C ARG A 536 31.94 16.45 -8.42
N ASN A 537 32.36 16.24 -7.19
CA ASN A 537 31.87 15.18 -6.32
C ASN A 537 31.77 15.95 -5.02
N ASP A 538 32.73 16.86 -4.93
CA ASP A 538 33.10 17.70 -3.80
C ASP A 538 32.28 18.95 -3.71
N ALA A 539 31.16 18.95 -4.40
CA ALA A 539 30.27 20.08 -4.39
C ALA A 539 29.74 20.37 -3.00
N ALA A 540 29.44 19.35 -2.22
CA ALA A 540 28.90 19.58 -0.90
C ALA A 540 29.90 20.34 -0.09
N LYS A 541 31.17 19.96 -0.20
CA LYS A 541 32.25 20.64 0.53
C LYS A 541 32.48 22.12 0.13
N LYS A 542 32.41 22.41 -1.17
CA LYS A 542 32.65 23.76 -1.68
C LYS A 542 31.39 24.62 -1.65
N ILE A 543 30.22 23.98 -1.70
CA ILE A 543 28.96 24.70 -1.52
C ILE A 543 28.88 25.26 -0.11
N ASP A 544 29.10 24.41 0.88
CA ASP A 544 29.06 24.80 2.27
C ASP A 544 30.12 25.86 2.58
N GLU A 545 31.21 25.84 1.82
CA GLU A 545 32.27 26.84 1.97
C GLU A 545 31.86 28.18 1.38
N LEU A 546 31.08 28.13 0.30
CA LEU A 546 30.58 29.36 -0.33
C LEU A 546 29.58 30.06 0.60
N ARG A 547 28.89 29.27 1.42
CA ARG A 547 27.89 29.81 2.33
C ARG A 547 28.55 30.30 3.62
N ALA A 548 29.77 29.82 3.87
CA ALA A 548 30.54 30.22 5.04
C ALA A 548 31.19 31.58 4.80
N LEU A 549 31.43 31.89 3.53
CA LEU A 549 31.92 33.20 3.13
C LEU A 549 31.01 34.28 3.66
N GLN A 550 31.58 35.27 4.34
CA GLN A 550 30.78 36.36 4.87
C GLN A 550 30.37 37.30 3.75
N PRO A 551 29.05 37.42 3.54
CA PRO A 551 28.51 38.32 2.52
C PRO A 551 28.94 39.75 2.81
N PRO A 552 29.32 40.51 1.77
CA PRO A 552 29.59 41.93 1.96
C PRO A 552 28.38 42.60 2.61
N HIS A 553 28.63 43.55 3.50
CA HIS A 553 27.61 44.14 4.36
C HIS A 553 26.27 44.41 3.69
N GLY A 554 25.22 43.80 4.21
CA GLY A 554 23.86 44.10 3.80
C GLY A 554 23.28 43.24 2.69
N ILE A 555 23.93 42.12 2.36
CA ILE A 555 23.37 41.24 1.33
C ILE A 555 23.17 39.81 1.85
N GLU A 556 22.13 39.18 1.32
CA GLU A 556 21.87 37.78 1.58
C GLU A 556 22.39 36.98 0.40
N VAL A 557 23.29 36.05 0.64
CA VAL A 557 23.86 35.25 -0.43
C VAL A 557 23.14 33.92 -0.59
N PHE A 558 22.64 33.67 -1.79
CA PHE A 558 21.97 32.42 -2.09
C PHE A 558 22.83 31.57 -3.02
N VAL A 559 23.39 30.49 -2.48
CA VAL A 559 24.22 29.60 -3.28
C VAL A 559 23.37 28.56 -3.99
N GLY A 560 23.35 28.62 -5.31
CA GLY A 560 22.55 27.70 -6.10
C GLY A 560 23.28 27.10 -7.28
N GLY A 561 22.55 26.35 -8.10
CA GLY A 561 23.14 25.62 -9.22
C GLY A 561 22.65 24.19 -9.16
N THR A 562 22.73 23.48 -10.29
CA THR A 562 22.25 22.11 -10.34
C THR A 562 22.90 21.20 -9.29
N PRO A 563 24.25 21.26 -9.15
CA PRO A 563 24.79 20.44 -8.05
C PRO A 563 24.36 20.93 -6.68
N ALA A 564 24.05 22.22 -6.56
CA ALA A 564 23.58 22.75 -5.29
C ALA A 564 22.18 22.26 -4.98
N LEU A 565 21.31 22.32 -5.99
CA LEU A 565 19.95 21.79 -5.88
C LEU A 565 19.98 20.32 -5.49
N GLU A 566 20.83 19.55 -6.17
CA GLU A 566 20.91 18.12 -5.93
C GLU A 566 21.49 17.82 -4.55
N GLN A 567 22.51 18.57 -4.14
CA GLN A 567 23.14 18.36 -2.84
C GLN A 567 22.21 18.70 -1.69
N ASP A 568 21.52 19.83 -1.79
CA ASP A 568 20.58 20.24 -0.75
C ASP A 568 19.46 19.22 -0.59
N SER A 569 19.01 18.64 -1.71
CA SER A 569 17.99 17.62 -1.68
C SER A 569 18.50 16.38 -0.94
N ILE A 570 19.76 16.04 -1.17
CA ILE A 570 20.39 14.88 -0.54
C ILE A 570 20.56 15.09 0.96
N HIS A 571 21.02 16.28 1.34
CA HIS A 571 21.20 16.60 2.76
C HIS A 571 19.86 16.64 3.47
N SER A 572 18.85 17.13 2.79
CA SER A 572 17.50 17.21 3.34
C SER A 572 16.97 15.82 3.67
N LEU A 573 17.31 14.87 2.82
CA LEU A 573 16.90 13.48 3.01
C LEU A 573 17.51 12.87 4.26
N PHE A 574 18.85 12.93 4.35
CA PHE A 574 19.57 12.39 5.49
C PHE A 574 19.18 13.05 6.81
N ASP A 575 18.69 14.28 6.73
CA ASP A 575 18.35 15.04 7.93
C ASP A 575 17.03 14.56 8.53
N LYS A 576 16.04 14.35 7.68
CA LYS A 576 14.71 13.94 8.13
C LYS A 576 14.56 12.43 8.16
N LEU A 577 15.63 11.71 7.81
CA LEU A 577 15.58 10.25 7.71
C LEU A 577 15.60 9.53 9.06
N PRO A 578 16.42 9.99 10.02
CA PRO A 578 16.32 9.33 11.34
C PRO A 578 14.95 9.52 11.98
N LEU A 579 14.36 10.71 11.81
CA LEU A 579 13.04 10.98 12.33
C LEU A 579 11.98 10.12 11.63
N MET A 580 12.12 9.96 10.32
CA MET A 580 11.21 9.12 9.56
C MET A 580 11.18 7.69 10.10
N ALA A 581 12.36 7.11 10.22
CA ALA A 581 12.51 5.75 10.74
C ALA A 581 11.84 5.58 12.10
N LEU A 582 11.99 6.60 12.95
CA LEU A 582 11.37 6.59 14.28
C LEU A 582 9.85 6.45 14.17
N ILE A 583 9.23 7.40 13.47
CA ILE A 583 7.79 7.41 13.29
C ILE A 583 7.35 6.14 12.55
N LEU A 584 8.16 5.71 11.60
CA LEU A 584 7.88 4.51 10.81
C LEU A 584 7.76 3.27 11.68
N ILE A 585 8.72 3.10 12.59
CA ILE A 585 8.77 1.90 13.43
C ILE A 585 7.73 1.95 14.55
N VAL A 586 7.65 3.09 15.24
CA VAL A 586 6.71 3.24 16.34
C VAL A 586 5.26 3.00 15.91
N THR A 587 4.80 3.78 14.92
CA THR A 587 3.41 3.73 14.49
C THR A 587 2.98 2.33 14.04
N THR A 588 3.85 1.65 13.29
CA THR A 588 3.49 0.34 12.77
C THR A 588 3.50 -0.72 13.87
N THR A 589 4.52 -0.68 14.73
CA THR A 589 4.61 -1.63 15.83
C THR A 589 3.43 -1.48 16.79
N VAL A 590 3.04 -0.23 17.05
CA VAL A 590 1.86 0.04 17.87
C VAL A 590 0.60 -0.52 17.21
N LEU A 591 0.49 -0.31 15.90
CA LEU A 591 -0.67 -0.79 15.15
C LEU A 591 -0.76 -2.32 15.16
N MET A 592 0.39 -2.97 14.96
CA MET A 592 0.45 -4.43 15.05
C MET A 592 0.08 -4.91 16.43
N PHE A 593 0.37 -4.08 17.44
CA PHE A 593 0.06 -4.42 18.82
C PHE A 593 -1.45 -4.36 19.09
N LEU A 594 -2.13 -3.42 18.44
CA LEU A 594 -3.59 -3.35 18.53
C LEU A 594 -4.24 -4.45 17.71
N ALA A 595 -3.52 -4.93 16.70
CA ALA A 595 -4.03 -5.97 15.83
C ALA A 595 -3.81 -7.36 16.42
N PHE A 596 -2.73 -7.50 17.19
CA PHE A 596 -2.36 -8.80 17.74
C PHE A 596 -2.74 -8.92 19.22
N GLY A 597 -2.45 -7.86 19.98
CA GLY A 597 -2.66 -7.88 21.42
C GLY A 597 -1.35 -8.22 22.11
N SER A 598 -0.50 -8.96 21.40
CA SER A 598 0.84 -9.25 21.88
C SER A 598 1.66 -7.97 21.87
N VAL A 599 2.64 -7.89 22.77
CA VAL A 599 3.59 -6.78 22.77
C VAL A 599 4.86 -7.27 22.12
N VAL A 600 5.12 -8.55 22.32
CA VAL A 600 6.35 -9.17 21.83
C VAL A 600 6.31 -9.41 20.31
N LEU A 601 5.24 -10.03 19.83
CA LEU A 601 5.09 -10.28 18.39
C LEU A 601 5.27 -9.03 17.52
N PRO A 602 4.70 -7.87 17.92
CA PRO A 602 4.97 -6.67 17.11
C PRO A 602 6.44 -6.25 17.14
N ILE A 603 7.06 -6.31 18.31
CA ILE A 603 8.47 -5.96 18.44
C ILE A 603 9.32 -6.96 17.65
N LYS A 604 8.88 -8.22 17.64
CA LYS A 604 9.55 -9.24 16.83
C LYS A 604 9.48 -8.88 15.36
N ALA A 605 8.30 -8.42 14.94
CA ALA A 605 8.06 -8.06 13.54
C ALA A 605 8.90 -6.86 13.12
N ALA A 606 9.13 -5.94 14.04
CA ALA A 606 9.96 -4.76 13.78
C ALA A 606 11.36 -5.18 13.35
N LEU A 607 11.96 -6.08 14.13
CA LEU A 607 13.29 -6.58 13.83
C LEU A 607 13.31 -7.37 12.53
N MET A 608 12.25 -8.14 12.30
CA MET A 608 12.10 -8.89 11.05
C MET A 608 12.07 -7.97 9.84
N SER A 609 11.21 -6.97 9.90
CA SER A 609 11.06 -6.00 8.82
C SER A 609 12.34 -5.21 8.61
N ALA A 610 13.03 -4.89 9.70
CA ALA A 610 14.28 -4.14 9.63
C ALA A 610 15.36 -4.93 8.90
N LEU A 611 15.40 -6.24 9.15
CA LEU A 611 16.39 -7.10 8.53
C LEU A 611 16.01 -7.41 7.08
N THR A 612 14.72 -7.52 6.81
CA THR A 612 14.24 -7.68 5.44
C THR A 612 14.60 -6.45 4.62
N LEU A 613 14.38 -5.29 5.22
CA LEU A 613 14.74 -4.01 4.61
C LEU A 613 16.22 -3.93 4.30
N GLY A 614 17.03 -4.01 5.36
CA GLY A 614 18.48 -3.94 5.23
C GLY A 614 19.08 -4.92 4.25
N SER A 615 18.47 -6.10 4.14
CA SER A 615 18.93 -7.11 3.20
C SER A 615 18.56 -6.73 1.78
N THR A 616 17.31 -6.33 1.58
CA THR A 616 16.81 -5.94 0.27
C THR A 616 17.58 -4.74 -0.26
N MET A 617 17.88 -3.79 0.62
CA MET A 617 18.63 -2.59 0.24
C MET A 617 20.04 -2.94 -0.22
N GLY A 618 20.69 -3.86 0.49
CA GLY A 618 22.03 -4.28 0.15
C GLY A 618 22.10 -4.94 -1.20
N ILE A 619 21.10 -5.77 -1.51
CA ILE A 619 21.01 -6.43 -2.80
C ILE A 619 20.83 -5.39 -3.92
N LEU A 620 20.07 -4.35 -3.62
CA LEU A 620 19.79 -3.31 -4.59
C LEU A 620 21.03 -2.49 -4.94
N THR A 621 21.81 -2.12 -3.93
CA THR A 621 23.07 -1.42 -4.17
C THR A 621 24.03 -2.36 -4.91
N TRP A 622 23.95 -3.63 -4.56
CA TRP A 622 24.69 -4.68 -5.25
C TRP A 622 24.26 -4.74 -6.71
N MET A 623 22.99 -4.41 -6.97
CA MET A 623 22.43 -4.46 -8.31
C MET A 623 22.59 -3.16 -9.10
N PHE A 624 22.29 -2.03 -8.47
CA PHE A 624 22.19 -0.77 -9.21
C PHE A 624 23.34 0.21 -8.97
N VAL A 625 24.19 -0.09 -8.00
CA VAL A 625 25.39 0.72 -7.80
C VAL A 625 26.61 -0.05 -8.29
N ASP A 626 26.73 -1.29 -7.84
CA ASP A 626 27.84 -2.16 -8.26
C ASP A 626 27.52 -2.84 -9.59
N GLY A 627 26.28 -2.69 -10.04
CA GLY A 627 25.89 -3.09 -11.38
C GLY A 627 25.72 -4.58 -11.65
N HIS A 628 25.39 -5.35 -10.62
CA HIS A 628 25.17 -6.78 -10.81
C HIS A 628 23.77 -7.04 -11.33
N GLY A 629 23.69 -7.52 -12.56
CA GLY A 629 22.42 -7.72 -13.23
C GLY A 629 22.15 -6.58 -14.19
N SER A 630 23.06 -5.61 -14.21
CA SER A 630 22.94 -4.45 -15.08
C SER A 630 23.02 -4.86 -16.55
N GLY A 631 23.85 -5.85 -16.84
CA GLY A 631 23.97 -6.36 -18.19
C GLY A 631 22.73 -7.12 -18.58
N LEU A 632 22.27 -8.00 -17.69
CA LEU A 632 21.08 -8.81 -17.93
C LEU A 632 19.85 -7.94 -18.16
N MET A 633 19.74 -6.89 -17.34
CA MET A 633 18.52 -6.09 -17.32
C MET A 633 18.67 -4.74 -18.02
N ASN A 634 19.80 -4.54 -18.69
CA ASN A 634 20.01 -3.38 -19.56
C ASN A 634 19.88 -2.02 -18.85
N TYR A 635 20.48 -1.89 -17.67
CA TYR A 635 20.54 -0.59 -17.02
C TYR A 635 21.98 -0.23 -16.67
N THR A 636 22.24 1.06 -16.52
CA THR A 636 23.58 1.53 -16.18
C THR A 636 23.78 1.60 -14.68
N PRO A 637 24.88 1.01 -14.19
CA PRO A 637 25.27 1.16 -12.78
C PRO A 637 25.56 2.62 -12.46
N GLN A 638 24.93 3.15 -11.42
CA GLN A 638 25.04 4.57 -11.10
C GLN A 638 24.49 4.86 -9.72
N PRO A 639 24.82 6.05 -9.16
CA PRO A 639 24.18 6.47 -7.91
C PRO A 639 22.66 6.49 -8.01
N LEU A 640 21.99 6.28 -6.88
CA LEU A 640 20.53 6.26 -6.85
C LEU A 640 19.99 7.64 -6.49
N MET A 641 18.76 7.93 -6.89
CA MET A 641 18.19 9.23 -6.57
C MET A 641 17.84 9.30 -5.09
N ALA A 642 18.15 10.43 -4.47
CA ALA A 642 18.03 10.56 -3.02
C ALA A 642 16.60 10.35 -2.50
N PRO A 643 15.59 11.02 -3.07
CA PRO A 643 14.27 10.76 -2.49
C PRO A 643 13.75 9.35 -2.77
N MET A 644 14.40 8.64 -3.68
CA MET A 644 14.00 7.27 -3.98
C MET A 644 14.26 6.36 -2.79
N ILE A 645 15.32 6.65 -2.04
CA ILE A 645 15.67 5.82 -0.90
C ILE A 645 14.62 5.99 0.21
N GLY A 646 13.98 7.15 0.26
CA GLY A 646 12.93 7.37 1.23
C GLY A 646 11.71 6.55 0.88
N LEU A 647 11.33 6.60 -0.39
CA LEU A 647 10.18 5.88 -0.89
C LEU A 647 10.32 4.38 -0.72
N ILE A 648 11.51 3.86 -1.03
CA ILE A 648 11.71 2.41 -1.03
C ILE A 648 11.72 1.86 0.40
N ILE A 649 12.22 2.64 1.35
CA ILE A 649 12.18 2.25 2.76
C ILE A 649 10.72 2.11 3.22
N ALA A 650 9.92 3.13 2.93
CA ALA A 650 8.52 3.17 3.36
C ALA A 650 7.71 2.04 2.74
N VAL A 651 7.89 1.83 1.44
CA VAL A 651 7.15 0.81 0.72
C VAL A 651 7.51 -0.59 1.20
N ILE A 652 8.80 -0.85 1.35
CA ILE A 652 9.25 -2.18 1.79
C ILE A 652 8.80 -2.46 3.21
N TRP A 653 9.01 -1.50 4.11
CA TRP A 653 8.61 -1.67 5.50
C TRP A 653 7.11 -1.90 5.62
N GLY A 654 6.33 -1.11 4.91
CA GLY A 654 4.89 -1.22 4.97
C GLY A 654 4.40 -2.54 4.40
N LEU A 655 5.08 -3.01 3.36
CA LEU A 655 4.71 -4.26 2.72
C LEU A 655 5.12 -5.45 3.58
N SER A 656 6.32 -5.36 4.15
CA SER A 656 6.82 -6.39 5.05
C SER A 656 5.94 -6.53 6.28
N THR A 657 5.51 -5.39 6.82
CA THR A 657 4.66 -5.38 8.01
C THR A 657 3.28 -5.97 7.71
N ASP A 658 2.79 -5.74 6.49
CA ASP A 658 1.49 -6.27 6.10
C ASP A 658 1.49 -7.79 6.00
N TYR A 659 2.59 -8.34 5.48
CA TYR A 659 2.66 -9.78 5.27
C TYR A 659 2.89 -10.53 6.58
N GLU A 660 3.38 -9.82 7.59
CA GLU A 660 3.43 -10.38 8.93
C GLU A 660 2.03 -10.44 9.51
N VAL A 661 1.28 -9.36 9.32
CA VAL A 661 -0.10 -9.29 9.80
C VAL A 661 -0.95 -10.35 9.11
N PHE A 662 -0.75 -10.54 7.81
CA PHE A 662 -1.48 -11.56 7.05
C PHE A 662 -1.32 -12.92 7.69
N LEU A 663 -0.11 -13.22 8.14
CA LEU A 663 0.24 -14.52 8.68
C LEU A 663 -0.06 -14.65 10.17
N VAL A 664 0.52 -13.73 10.95
CA VAL A 664 0.46 -13.80 12.42
C VAL A 664 -0.96 -13.66 12.97
N SER A 665 -1.79 -12.86 12.30
CA SER A 665 -3.17 -12.64 12.76
C SER A 665 -3.94 -13.96 12.87
N ARG A 666 -3.59 -14.92 12.00
CA ARG A 666 -4.19 -16.23 12.05
C ARG A 666 -3.64 -17.04 13.22
N MET A 667 -2.37 -16.86 13.48
CA MET A 667 -1.75 -17.54 14.57
C MET A 667 -2.42 -17.00 15.79
N VAL A 668 -2.58 -15.70 15.82
CA VAL A 668 -3.16 -15.09 16.98
C VAL A 668 -4.56 -15.60 17.12
N GLU A 669 -5.25 -15.74 16.00
CA GLU A 669 -6.63 -16.16 16.04
C GLU A 669 -6.63 -17.53 16.66
N ALA A 670 -5.67 -18.35 16.30
CA ALA A 670 -5.64 -19.70 16.80
C ALA A 670 -5.48 -19.69 18.29
N ARG A 671 -4.56 -18.88 18.79
CA ARG A 671 -4.31 -18.87 20.21
C ARG A 671 -5.53 -18.38 20.96
N GLU A 672 -6.18 -17.37 20.43
CA GLU A 672 -7.35 -16.82 21.08
C GLU A 672 -8.38 -17.92 21.13
N ARG A 673 -8.39 -18.72 20.09
CA ARG A 673 -9.23 -19.89 20.01
C ARG A 673 -8.80 -20.86 21.08
N GLY A 674 -7.55 -20.73 21.50
CA GLY A 674 -7.00 -21.56 22.56
C GLY A 674 -6.22 -22.75 22.10
N MET A 675 -4.96 -22.55 21.77
CA MET A 675 -4.10 -23.64 21.38
C MET A 675 -2.69 -23.36 21.82
N SER A 676 -1.89 -24.40 21.90
CA SER A 676 -0.50 -24.24 22.30
C SER A 676 0.21 -23.37 21.27
N THR A 677 1.28 -22.71 21.69
CA THR A 677 2.05 -21.86 20.78
C THR A 677 2.48 -22.64 19.54
N ALA A 678 2.86 -23.90 19.77
CA ALA A 678 3.28 -24.79 18.69
C ALA A 678 2.25 -24.83 17.57
N GLU A 679 1.09 -25.40 17.84
CA GLU A 679 0.07 -25.55 16.81
C GLU A 679 -0.54 -24.22 16.40
N ALA A 680 -0.50 -23.22 17.28
CA ALA A 680 -0.98 -21.89 16.95
C ALA A 680 -0.16 -21.31 15.80
N ILE A 681 1.16 -21.48 15.88
CA ILE A 681 2.05 -21.10 14.80
C ILE A 681 1.74 -21.90 13.55
N ARG A 682 1.45 -23.19 13.72
CA ARG A 682 1.24 -24.07 12.59
C ARG A 682 -0.08 -23.75 11.90
N ILE A 683 -1.15 -23.67 12.70
CA ILE A 683 -2.49 -23.38 12.18
C ILE A 683 -2.47 -22.12 11.33
N GLY A 684 -1.83 -21.08 11.86
CA GLY A 684 -1.70 -19.81 11.15
C GLY A 684 -0.96 -19.94 9.83
N THR A 685 0.02 -20.84 9.80
CA THR A 685 0.82 -21.04 8.60
C THR A 685 0.06 -21.82 7.53
N ALA A 686 -0.47 -22.97 7.91
CA ALA A 686 -1.20 -23.83 6.99
C ALA A 686 -2.44 -23.16 6.42
N THR A 687 -3.11 -22.34 7.24
CA THR A 687 -4.30 -21.65 6.81
C THR A 687 -4.02 -20.59 5.75
N THR A 688 -2.88 -19.92 5.91
CA THR A 688 -2.52 -18.81 5.03
C THR A 688 -1.46 -19.20 4.00
N GLY A 689 -0.97 -20.43 4.10
CA GLY A 689 0.10 -20.90 3.23
C GLY A 689 -0.16 -20.66 1.76
N ARG A 690 -1.22 -21.28 1.25
CA ARG A 690 -1.59 -21.12 -0.16
C ARG A 690 -2.01 -19.70 -0.47
N LEU A 691 -2.62 -19.04 0.52
CA LEU A 691 -3.13 -17.68 0.34
C LEU A 691 -2.01 -16.65 0.20
N ILE A 692 -1.04 -16.71 1.10
CA ILE A 692 0.06 -15.75 1.08
C ILE A 692 0.95 -15.96 -0.15
N THR A 693 1.13 -17.21 -0.56
CA THR A 693 1.85 -17.48 -1.80
C THR A 693 1.18 -16.77 -2.97
N GLY A 694 -0.13 -16.96 -3.10
CA GLY A 694 -0.89 -16.33 -4.15
C GLY A 694 -0.90 -14.83 -4.03
N ALA A 695 -1.02 -14.35 -2.80
CA ALA A 695 -0.98 -12.91 -2.55
C ALA A 695 0.37 -12.35 -2.93
N ALA A 696 1.43 -13.10 -2.62
CA ALA A 696 2.79 -12.68 -2.95
C ALA A 696 3.01 -12.68 -4.46
N LEU A 697 2.62 -13.78 -5.11
CA LEU A 697 2.83 -13.94 -6.55
C LEU A 697 2.10 -12.85 -7.36
N ILE A 698 0.86 -12.55 -6.97
CA ILE A 698 0.08 -11.52 -7.65
C ILE A 698 0.77 -10.16 -7.58
N LEU A 699 1.32 -9.85 -6.42
CA LEU A 699 2.07 -8.62 -6.25
C LEU A 699 3.42 -8.72 -6.96
N ALA A 700 4.03 -9.90 -6.88
CA ALA A 700 5.32 -10.15 -7.52
C ALA A 700 5.21 -10.04 -9.04
N VAL A 701 4.10 -10.54 -9.58
CA VAL A 701 3.86 -10.50 -11.03
C VAL A 701 3.82 -9.06 -11.54
N VAL A 702 3.03 -8.21 -10.88
CA VAL A 702 2.91 -6.82 -11.28
C VAL A 702 4.26 -6.10 -11.17
N ALA A 703 4.96 -6.36 -10.06
CA ALA A 703 6.29 -5.79 -9.87
C ALA A 703 7.23 -6.26 -10.98
N GLY A 704 7.14 -7.54 -11.33
CA GLY A 704 7.97 -8.13 -12.36
C GLY A 704 7.73 -7.56 -13.74
N ALA A 705 6.60 -6.88 -13.91
CA ALA A 705 6.33 -6.19 -15.17
C ALA A 705 7.07 -4.86 -15.19
N PHE A 706 7.15 -4.23 -14.02
CA PHE A 706 7.78 -2.92 -13.88
C PHE A 706 9.31 -3.00 -13.79
N VAL A 707 9.84 -4.19 -13.59
CA VAL A 707 11.30 -4.33 -13.55
C VAL A 707 11.90 -4.12 -14.93
N PHE A 708 11.07 -4.20 -15.97
CA PHE A 708 11.51 -4.01 -17.35
C PHE A 708 11.34 -2.57 -17.81
N SER A 709 11.25 -1.65 -16.86
CA SER A 709 11.08 -0.23 -17.17
C SER A 709 12.38 0.39 -17.68
N ASP A 710 12.29 1.29 -18.64
CA ASP A 710 13.47 1.98 -19.14
C ASP A 710 13.99 2.99 -18.12
N LEU A 711 13.19 3.29 -17.11
CA LEU A 711 13.55 4.25 -16.07
C LEU A 711 14.18 3.54 -14.87
N VAL A 712 15.44 3.85 -14.57
CA VAL A 712 16.17 3.13 -13.51
C VAL A 712 15.48 3.23 -12.15
N MET A 713 14.90 4.39 -11.85
CA MET A 713 14.20 4.57 -10.58
C MET A 713 13.08 3.55 -10.47
N MET A 714 12.35 3.38 -11.55
CA MET A 714 11.26 2.41 -11.62
C MET A 714 11.81 0.99 -11.49
N LYS A 715 12.85 0.68 -12.27
CA LYS A 715 13.55 -0.60 -12.16
C LYS A 715 13.96 -0.87 -10.72
N TYR A 716 14.67 0.10 -10.16
CA TYR A 716 15.16 0.04 -8.79
C TYR A 716 14.03 -0.17 -7.77
N LEU A 717 12.93 0.56 -7.94
CA LEU A 717 11.79 0.45 -7.04
C LEU A 717 11.09 -0.90 -7.18
N ALA A 718 10.87 -1.31 -8.43
CA ALA A 718 10.18 -2.57 -8.71
C ALA A 718 10.98 -3.76 -8.17
N PHE A 719 12.30 -3.70 -8.29
CA PHE A 719 13.15 -4.77 -7.78
C PHE A 719 13.10 -4.81 -6.25
N GLY A 720 13.00 -3.65 -5.64
CA GLY A 720 12.86 -3.56 -4.19
C GLY A 720 11.65 -4.36 -3.72
N LEU A 721 10.55 -4.25 -4.45
CA LEU A 721 9.35 -5.03 -4.15
C LEU A 721 9.63 -6.52 -4.26
N LEU A 722 10.00 -6.97 -5.45
CA LEU A 722 10.29 -8.38 -5.71
C LEU A 722 11.17 -8.99 -4.65
N ILE A 723 12.33 -8.38 -4.43
CA ILE A 723 13.32 -8.92 -3.50
C ILE A 723 12.79 -8.97 -2.07
N ALA A 724 12.21 -7.87 -1.61
CA ALA A 724 11.66 -7.82 -0.26
C ALA A 724 10.50 -8.79 -0.11
N LEU A 725 9.68 -8.89 -1.15
CA LEU A 725 8.52 -9.76 -1.14
C LEU A 725 8.94 -11.24 -1.12
N LEU A 726 9.88 -11.60 -1.99
CA LEU A 726 10.36 -12.97 -2.07
C LEU A 726 11.01 -13.37 -0.74
N LEU A 727 11.76 -12.44 -0.15
CA LEU A 727 12.36 -12.67 1.15
C LEU A 727 11.29 -12.85 2.22
N ASP A 728 10.21 -12.09 2.10
CA ASP A 728 9.11 -12.15 3.07
C ASP A 728 8.29 -13.44 2.94
N ALA A 729 7.92 -13.77 1.72
CA ALA A 729 7.03 -14.91 1.47
C ALA A 729 7.69 -16.26 1.73
N THR A 730 9.01 -16.33 1.56
CA THR A 730 9.72 -17.60 1.71
C THR A 730 10.54 -17.66 2.99
N ILE A 731 11.66 -16.96 2.99
CA ILE A 731 12.62 -17.00 4.10
C ILE A 731 12.00 -16.57 5.43
N ILE A 732 11.12 -15.56 5.37
CA ILE A 732 10.52 -15.01 6.59
C ILE A 732 9.30 -15.82 7.06
N ARG A 733 8.27 -15.88 6.23
CA ARG A 733 7.01 -16.53 6.60
C ARG A 733 7.17 -18.01 6.97
N MET A 734 7.92 -18.74 6.15
CA MET A 734 8.00 -20.20 6.27
C MET A 734 9.05 -20.68 7.26
N PHE A 735 10.11 -19.90 7.45
CA PHE A 735 11.22 -20.35 8.28
C PHE A 735 11.47 -19.46 9.48
N LEU A 736 11.88 -18.22 9.23
CA LEU A 736 12.35 -17.36 10.31
C LEU A 736 11.27 -17.01 11.32
N VAL A 737 10.04 -16.80 10.86
CA VAL A 737 8.95 -16.46 11.78
C VAL A 737 8.50 -17.65 12.64
N PRO A 738 8.18 -18.81 12.04
CA PRO A 738 7.74 -19.90 12.92
C PRO A 738 8.85 -20.40 13.84
N ALA A 739 10.09 -20.34 13.37
CA ALA A 739 11.23 -20.74 14.18
C ALA A 739 11.32 -19.86 15.42
N VAL A 740 11.56 -18.57 15.19
CA VAL A 740 11.64 -17.59 16.27
C VAL A 740 10.44 -17.73 17.20
N MET A 741 9.24 -17.52 16.67
CA MET A 741 8.00 -17.56 17.47
C MET A 741 7.92 -18.71 18.47
N LYS A 742 8.41 -19.89 18.09
CA LYS A 742 8.41 -21.01 19.03
C LYS A 742 9.40 -20.80 20.17
N LEU A 743 10.58 -20.28 19.85
CA LEU A 743 11.61 -19.98 20.86
C LEU A 743 11.02 -19.23 22.04
N LEU A 744 10.14 -18.28 21.73
CA LEU A 744 9.46 -17.51 22.75
C LEU A 744 8.36 -18.35 23.40
N GLY A 745 7.85 -19.33 22.67
CA GLY A 745 6.75 -20.13 23.16
C GLY A 745 5.57 -19.23 23.41
N ASP A 746 5.01 -19.28 24.61
CA ASP A 746 3.87 -18.44 24.96
C ASP A 746 4.30 -17.04 25.41
N ASP A 747 5.62 -16.78 25.37
CA ASP A 747 6.12 -15.44 25.64
C ASP A 747 5.89 -14.54 24.45
N CYS A 748 5.83 -15.13 23.25
CA CYS A 748 5.59 -14.38 22.03
C CYS A 748 4.22 -13.73 22.10
N TRP A 749 3.32 -14.41 22.75
CA TRP A 749 1.96 -13.96 22.79
C TRP A 749 1.98 -12.92 23.82
N TRP A 750 0.79 -12.43 24.16
CA TRP A 750 0.65 -11.27 25.02
C TRP A 750 1.46 -11.48 26.26
N ALA A 751 2.23 -10.46 26.61
CA ALA A 751 3.08 -10.63 27.78
C ALA A 751 2.58 -9.73 28.85
N PRO A 752 3.11 -8.52 28.88
CA PRO A 752 2.84 -7.39 29.77
C PRO A 752 1.47 -6.71 29.61
N ARG A 753 1.35 -5.51 30.15
CA ARG A 753 0.13 -4.73 30.01
C ARG A 753 -1.12 -5.53 30.36
N TRP A 754 -1.10 -6.24 31.49
CA TRP A 754 -2.21 -7.08 31.84
C TRP A 754 -3.46 -6.21 31.84
N MET A 755 -4.55 -6.83 31.44
CA MET A 755 -5.84 -6.17 31.34
C MET A 755 -5.85 -5.20 30.19
N LYS A 756 -4.73 -5.15 29.47
CA LYS A 756 -4.65 -4.30 28.29
C LYS A 756 -5.70 -4.86 27.35
N ARG A 757 -5.80 -6.19 27.32
CA ARG A 757 -6.75 -6.91 26.49
C ARG A 757 -7.81 -7.45 27.45
N VAL A 758 -9.09 -7.33 27.11
CA VAL A 758 -10.10 -7.75 28.07
C VAL A 758 -10.56 -9.20 27.83
N GLN A 759 -10.51 -10.00 28.89
CA GLN A 759 -11.09 -11.32 28.85
C GLN A 759 -12.55 -11.06 28.63
N GLU A 760 -13.23 -11.94 27.91
CA GLU A 760 -14.61 -11.69 27.56
C GLU A 760 -15.49 -12.84 27.99
N LYS A 761 -16.78 -12.58 28.12
CA LYS A 761 -17.68 -13.61 28.59
C LYS A 761 -17.58 -14.75 27.61
N GLU A 762 -17.49 -15.96 28.13
CA GLU A 762 -17.40 -17.13 27.29
C GLU A 762 -18.82 -17.66 27.25
N PHE A 763 -19.38 -17.78 26.06
CA PHE A 763 -20.82 -18.01 25.99
C PHE A 763 -21.19 -19.31 26.64
N ASN A 764 -22.44 -19.43 27.05
CA ASN A 764 -22.86 -20.60 27.80
C ASN A 764 -24.28 -21.01 27.46
N ILE A 765 -24.75 -22.07 28.11
CA ILE A 765 -26.06 -22.60 27.82
C ILE A 765 -27.17 -21.69 28.39
N PHE A 766 -26.87 -20.96 29.45
CA PHE A 766 -27.82 -19.99 30.03
C PHE A 766 -28.04 -18.81 29.08
N GLU A 767 -26.94 -18.23 28.62
CA GLU A 767 -27.02 -17.12 27.67
C GLU A 767 -27.73 -17.56 26.41
N MET A 768 -27.49 -18.80 26.03
CA MET A 768 -28.18 -19.40 24.90
C MET A 768 -29.68 -19.33 25.13
N LEU A 769 -30.14 -19.94 26.23
CA LEU A 769 -31.56 -20.01 26.51
C LEU A 769 -32.12 -18.73 27.12
N ARG A 770 -31.23 -17.83 27.52
CA ARG A 770 -31.65 -16.48 27.91
C ARG A 770 -32.18 -15.77 26.67
N ILE A 771 -31.57 -16.10 25.53
CA ILE A 771 -31.98 -15.56 24.26
C ILE A 771 -33.24 -16.24 23.74
N ASP A 772 -33.26 -17.56 23.78
CA ASP A 772 -34.38 -18.32 23.24
C ASP A 772 -35.65 -18.26 24.11
N GLU A 773 -35.48 -18.32 25.43
CA GLU A 773 -36.63 -18.40 26.33
C GLU A 773 -36.81 -17.14 27.18
N GLY A 774 -35.84 -16.24 27.13
CA GLY A 774 -35.93 -14.99 27.86
C GLY A 774 -35.42 -15.08 29.28
N LEU A 775 -35.11 -13.93 29.86
CA LEU A 775 -34.70 -13.86 31.26
C LEU A 775 -35.54 -12.85 32.01
N ARG A 776 -36.44 -13.35 32.87
CA ARG A 776 -37.36 -12.48 33.59
C ARG A 776 -37.18 -12.57 35.10
N LEU A 777 -36.88 -11.44 35.73
CA LEU A 777 -36.55 -11.40 37.15
C LEU A 777 -37.78 -11.23 38.03
N LYS A 778 -38.95 -11.10 37.40
CA LYS A 778 -40.20 -10.98 38.12
C LYS A 778 -41.22 -11.97 37.57
N ILE A 779 -42.07 -12.51 38.45
CA ILE A 779 -43.10 -13.45 38.04
C ILE A 779 -43.96 -12.85 36.93
N TYR A 780 -44.25 -13.66 35.92
CA TYR A 780 -45.04 -13.20 34.78
C TYR A 780 -45.85 -14.37 34.21
N LYS A 781 -46.87 -14.03 33.43
CA LYS A 781 -47.68 -15.04 32.76
C LYS A 781 -47.16 -15.30 31.35
N ASP A 782 -46.85 -16.56 31.05
CA ASP A 782 -46.40 -16.94 29.72
C ASP A 782 -47.59 -17.04 28.77
N THR A 783 -47.35 -17.49 27.55
CA THR A 783 -48.40 -17.53 26.52
C THR A 783 -49.57 -18.43 26.91
N GLU A 784 -49.29 -19.45 27.71
CA GLU A 784 -50.34 -20.35 28.18
C GLU A 784 -51.05 -19.79 29.42
N GLY A 785 -50.59 -18.63 29.88
CA GLY A 785 -51.22 -17.94 30.99
C GLY A 785 -50.73 -18.37 32.36
N TYR A 786 -49.67 -19.16 32.38
CA TYR A 786 -49.16 -19.71 33.64
C TYR A 786 -48.03 -18.87 34.22
N TYR A 787 -47.97 -18.78 35.54
CA TYR A 787 -46.95 -17.98 36.21
C TYR A 787 -45.55 -18.57 36.02
N THR A 788 -44.71 -17.81 35.33
CA THR A 788 -43.36 -18.25 34.98
C THR A 788 -42.35 -17.23 35.50
N ILE A 789 -41.09 -17.64 35.65
CA ILE A 789 -40.04 -16.71 36.06
C ILE A 789 -38.67 -17.21 35.59
N GLY A 790 -37.68 -16.33 35.63
CA GLY A 790 -36.33 -16.65 35.23
C GLY A 790 -36.26 -16.99 33.76
N ILE A 791 -35.63 -18.12 33.43
CA ILE A 791 -35.61 -18.61 32.06
C ILE A 791 -36.61 -19.74 31.89
N GLY A 792 -37.81 -19.39 31.43
CA GLY A 792 -38.87 -20.35 31.16
C GLY A 792 -39.16 -21.34 32.26
N HIS A 793 -39.04 -20.90 33.51
CA HIS A 793 -39.28 -21.79 34.64
C HIS A 793 -40.71 -21.64 35.15
N LEU A 794 -41.55 -22.63 34.86
CA LEU A 794 -42.92 -22.66 35.35
C LEU A 794 -42.95 -22.76 36.88
N LEU A 795 -43.61 -21.81 37.53
CA LEU A 795 -43.76 -21.86 38.97
C LEU A 795 -44.96 -22.72 39.34
N THR A 796 -46.10 -22.44 38.71
CA THR A 796 -47.31 -23.24 38.91
C THR A 796 -48.34 -22.95 37.83
N LYS A 797 -49.29 -23.87 37.67
CA LYS A 797 -50.40 -23.66 36.74
C LYS A 797 -51.61 -23.12 37.48
N SER A 798 -51.44 -22.84 38.76
CA SER A 798 -52.51 -22.26 39.57
C SER A 798 -52.79 -20.82 39.16
N PRO A 799 -54.07 -20.47 39.05
CA PRO A 799 -54.47 -19.09 38.74
C PRO A 799 -54.01 -18.10 39.81
N SER A 800 -53.76 -18.61 41.02
CA SER A 800 -53.37 -17.77 42.15
C SER A 800 -51.91 -17.30 42.04
N LEU A 801 -51.73 -15.99 41.97
CA LEU A 801 -50.40 -15.40 41.96
C LEU A 801 -49.66 -15.70 43.26
N ASN A 802 -50.36 -15.60 44.38
CA ASN A 802 -49.77 -15.84 45.69
C ASN A 802 -49.28 -17.27 45.81
N ALA A 803 -50.02 -18.20 45.19
CA ALA A 803 -49.62 -19.59 45.15
C ALA A 803 -48.30 -19.73 44.39
N ALA A 804 -48.16 -18.92 43.34
CA ALA A 804 -46.93 -18.88 42.56
C ALA A 804 -45.81 -18.24 43.37
N LYS A 805 -46.14 -17.17 44.08
CA LYS A 805 -45.19 -16.52 44.97
C LYS A 805 -44.81 -17.48 46.08
N SER A 806 -45.79 -18.22 46.57
CA SER A 806 -45.54 -19.23 47.62
C SER A 806 -44.53 -20.27 47.14
N GLU A 807 -44.74 -20.78 45.93
CA GLU A 807 -43.85 -21.79 45.36
C GLU A 807 -42.50 -21.18 45.00
N LEU A 808 -42.51 -19.92 44.58
CA LEU A 808 -41.26 -19.23 44.27
C LEU A 808 -40.45 -18.95 45.54
N ASP A 809 -41.13 -18.48 46.59
CA ASP A 809 -40.49 -18.30 47.89
C ASP A 809 -39.87 -19.60 48.34
N LYS A 810 -40.61 -20.68 48.16
CA LYS A 810 -40.17 -22.02 48.49
C LYS A 810 -38.94 -22.42 47.68
N ALA A 811 -38.97 -22.12 46.39
CA ALA A 811 -37.91 -22.52 45.48
C ALA A 811 -36.60 -21.79 45.72
N ILE A 812 -36.68 -20.53 46.15
CA ILE A 812 -35.49 -19.73 46.38
C ILE A 812 -35.09 -19.82 47.87
N GLY A 813 -36.01 -20.31 48.69
CA GLY A 813 -35.77 -20.41 50.11
C GLY A 813 -35.65 -19.04 50.74
N ARG A 814 -36.56 -18.16 50.37
CA ARG A 814 -36.51 -16.74 50.73
C ARG A 814 -37.78 -16.05 50.28
N ASN A 815 -38.30 -15.14 51.08
CA ASN A 815 -39.45 -14.35 50.67
C ASN A 815 -39.08 -13.42 49.53
N THR A 816 -39.69 -13.65 48.36
CA THR A 816 -39.33 -12.93 47.14
C THR A 816 -40.36 -11.90 46.73
N ASN A 817 -41.58 -12.07 47.23
CA ASN A 817 -42.78 -11.40 46.72
C ASN A 817 -42.77 -11.22 45.20
N GLY A 818 -42.28 -12.25 44.50
CA GLY A 818 -42.35 -12.31 43.06
C GLY A 818 -41.12 -11.82 42.31
N VAL A 819 -40.05 -11.48 43.01
CA VAL A 819 -38.85 -10.95 42.37
C VAL A 819 -37.57 -11.70 42.77
N ILE A 820 -36.77 -12.07 41.77
CA ILE A 820 -35.48 -12.71 42.02
C ILE A 820 -34.36 -11.94 41.35
N THR A 821 -33.11 -12.26 41.71
CA THR A 821 -31.94 -11.67 41.07
C THR A 821 -31.50 -12.52 39.89
N LYS A 822 -30.49 -12.04 39.17
CA LYS A 822 -29.96 -12.76 38.01
C LYS A 822 -29.29 -14.06 38.43
N ASP A 823 -28.55 -14.01 39.54
CA ASP A 823 -27.86 -15.19 40.06
C ASP A 823 -28.83 -16.31 40.42
N GLU A 824 -29.98 -15.93 40.95
CA GLU A 824 -30.99 -16.92 41.35
C GLU A 824 -31.74 -17.44 40.14
N ALA A 825 -31.83 -16.61 39.10
CA ALA A 825 -32.41 -17.05 37.85
C ALA A 825 -31.55 -18.16 37.22
N GLU A 826 -30.23 -17.98 37.28
CA GLU A 826 -29.30 -18.99 36.78
C GLU A 826 -29.30 -20.22 37.66
N LYS A 827 -29.34 -20.01 38.97
CA LYS A 827 -29.34 -21.12 39.91
C LYS A 827 -30.53 -22.01 39.63
N LEU A 828 -31.69 -21.40 39.43
CA LEU A 828 -32.90 -22.15 39.08
C LEU A 828 -32.79 -22.76 37.70
N PHE A 829 -32.17 -22.03 36.78
CA PHE A 829 -31.97 -22.54 35.43
C PHE A 829 -31.09 -23.78 35.44
N ASN A 830 -30.02 -23.75 36.23
CA ASN A 830 -29.10 -24.87 36.35
C ASN A 830 -29.78 -26.12 36.91
N GLN A 831 -30.74 -25.94 37.82
CA GLN A 831 -31.49 -27.09 38.32
C GLN A 831 -32.31 -27.69 37.19
N ASP A 832 -32.90 -26.83 36.38
CA ASP A 832 -33.73 -27.28 35.28
C ASP A 832 -32.87 -28.00 34.23
N VAL A 833 -31.67 -27.47 34.00
CA VAL A 833 -30.74 -28.11 33.08
C VAL A 833 -30.32 -29.47 33.61
N ASP A 834 -29.96 -29.53 34.89
CA ASP A 834 -29.60 -30.77 35.55
C ASP A 834 -30.71 -31.80 35.41
N ALA A 835 -31.95 -31.34 35.54
CA ALA A 835 -33.10 -32.22 35.39
C ALA A 835 -33.23 -32.67 33.94
N ALA A 836 -33.08 -31.71 33.03
CA ALA A 836 -33.12 -32.00 31.59
C ALA A 836 -32.05 -33.02 31.22
N VAL A 837 -30.82 -32.79 31.67
CA VAL A 837 -29.71 -33.71 31.38
C VAL A 837 -29.91 -35.10 32.01
N ARG A 838 -30.40 -35.14 33.24
CA ARG A 838 -30.69 -36.40 33.92
C ARG A 838 -31.64 -37.27 33.09
N GLY A 839 -32.74 -36.69 32.65
CA GLY A 839 -33.74 -37.42 31.90
C GLY A 839 -33.24 -37.85 30.54
N ILE A 840 -32.41 -36.98 29.95
CA ILE A 840 -31.78 -37.29 28.67
C ILE A 840 -30.93 -38.56 28.78
N LEU A 841 -30.24 -38.68 29.91
CA LEU A 841 -29.36 -39.83 30.14
C LEU A 841 -30.12 -41.08 30.55
N ARG A 842 -31.42 -40.96 30.82
CA ARG A 842 -32.26 -42.11 31.13
C ARG A 842 -33.07 -42.52 29.92
N ASN A 843 -32.96 -41.73 28.85
CA ASN A 843 -33.69 -41.99 27.61
C ASN A 843 -32.81 -42.73 26.61
N ALA A 844 -33.20 -43.96 26.26
CA ALA A 844 -32.42 -44.78 25.35
C ALA A 844 -32.27 -44.14 23.98
N LYS A 845 -33.26 -43.34 23.60
CA LYS A 845 -33.27 -42.70 22.29
C LYS A 845 -32.43 -41.42 22.27
N LEU A 846 -32.18 -40.84 23.44
CA LEU A 846 -31.49 -39.56 23.54
C LEU A 846 -30.06 -39.66 24.09
N LYS A 847 -29.84 -40.62 24.99
CA LYS A 847 -28.53 -40.75 25.65
C LYS A 847 -27.35 -40.95 24.69
N PRO A 848 -27.48 -41.86 23.69
CA PRO A 848 -26.32 -42.05 22.83
C PRO A 848 -25.92 -40.81 22.02
N VAL A 849 -26.89 -40.10 21.44
CA VAL A 849 -26.56 -38.92 20.65
C VAL A 849 -25.99 -37.83 21.56
N TYR A 850 -26.56 -37.71 22.77
CA TYR A 850 -26.10 -36.70 23.72
C TYR A 850 -24.67 -36.97 24.18
N ASP A 851 -24.36 -38.24 24.42
CA ASP A 851 -23.04 -38.63 24.91
C ASP A 851 -21.95 -38.35 23.87
N SER A 852 -22.33 -38.35 22.60
CA SER A 852 -21.36 -38.19 21.52
C SER A 852 -21.10 -36.73 21.17
N LEU A 853 -22.01 -35.86 21.59
CA LEU A 853 -21.93 -34.45 21.26
C LEU A 853 -20.97 -33.69 22.19
N ASP A 854 -20.31 -32.68 21.63
CA ASP A 854 -19.50 -31.77 22.43
C ASP A 854 -20.39 -30.88 23.29
N ALA A 855 -19.77 -30.12 24.19
CA ALA A 855 -20.50 -29.29 25.15
C ALA A 855 -21.49 -28.34 24.48
N VAL A 856 -21.04 -27.69 23.40
CA VAL A 856 -21.88 -26.71 22.72
C VAL A 856 -23.12 -27.37 22.10
N ARG A 857 -22.91 -28.42 21.33
CA ARG A 857 -24.03 -29.10 20.68
C ARG A 857 -24.97 -29.75 21.67
N ARG A 858 -24.43 -30.20 22.80
CA ARG A 858 -25.25 -30.70 23.90
C ARG A 858 -26.23 -29.63 24.37
N ALA A 859 -25.76 -28.39 24.44
CA ALA A 859 -26.59 -27.27 24.87
C ALA A 859 -27.73 -27.04 23.89
N ALA A 860 -27.46 -27.26 22.62
CA ALA A 860 -28.48 -27.15 21.59
C ALA A 860 -29.51 -28.27 21.76
N LEU A 861 -29.03 -29.46 22.10
CA LEU A 861 -29.92 -30.60 22.31
C LEU A 861 -30.78 -30.39 23.54
N ILE A 862 -30.16 -29.86 24.60
CA ILE A 862 -30.86 -29.54 25.83
C ILE A 862 -31.88 -28.45 25.54
N ASN A 863 -31.50 -27.52 24.68
CA ASN A 863 -32.39 -26.44 24.26
C ASN A 863 -33.67 -27.02 23.68
N MET A 864 -33.52 -28.01 22.81
CA MET A 864 -34.66 -28.67 22.19
C MET A 864 -35.51 -29.38 23.24
N VAL A 865 -34.86 -30.11 24.13
CA VAL A 865 -35.55 -30.81 25.22
C VAL A 865 -36.39 -29.83 26.04
N PHE A 866 -35.80 -28.69 26.39
CA PHE A 866 -36.55 -27.67 27.12
C PHE A 866 -37.78 -27.22 26.33
N GLN A 867 -37.61 -27.02 25.03
CA GLN A 867 -38.72 -26.50 24.23
C GLN A 867 -39.85 -27.51 24.01
N MET A 868 -39.52 -28.79 23.86
CA MET A 868 -40.53 -29.76 23.46
C MET A 868 -40.54 -31.07 24.25
N GLY A 869 -39.65 -31.19 25.23
CA GLY A 869 -39.58 -32.40 26.03
C GLY A 869 -38.77 -33.50 25.38
N GLU A 870 -38.40 -34.51 26.16
CA GLU A 870 -37.62 -35.64 25.67
C GLU A 870 -38.35 -36.37 24.54
N THR A 871 -39.59 -36.76 24.79
CA THR A 871 -40.39 -37.48 23.81
C THR A 871 -40.49 -36.70 22.50
N GLY A 872 -40.59 -35.38 22.61
CA GLY A 872 -40.61 -34.52 21.45
C GLY A 872 -39.32 -34.61 20.66
N VAL A 873 -38.19 -34.48 21.38
CA VAL A 873 -36.88 -34.53 20.75
C VAL A 873 -36.53 -35.95 20.28
N ALA A 874 -36.97 -36.95 21.06
CA ALA A 874 -36.71 -38.34 20.72
C ALA A 874 -37.40 -38.74 19.43
N GLY A 875 -38.43 -37.98 19.06
CA GLY A 875 -39.15 -38.21 17.82
C GLY A 875 -38.29 -37.93 16.60
N PHE A 876 -37.19 -37.21 16.80
CA PHE A 876 -36.28 -36.86 15.72
C PHE A 876 -35.25 -37.96 15.46
N THR A 877 -35.70 -39.21 15.39
CA THR A 877 -34.84 -40.38 15.31
C THR A 877 -33.67 -40.26 14.31
N ASN A 878 -33.97 -39.80 13.10
CA ASN A 878 -32.96 -39.67 12.04
C ASN A 878 -31.90 -38.58 12.26
N SER A 879 -32.35 -37.36 12.52
CA SER A 879 -31.45 -36.24 12.73
C SER A 879 -30.56 -36.49 13.93
N LEU A 880 -31.12 -37.10 14.97
CA LEU A 880 -30.34 -37.49 16.14
C LEU A 880 -29.24 -38.45 15.71
N ARG A 881 -29.63 -39.46 14.94
CA ARG A 881 -28.70 -40.43 14.39
C ARG A 881 -27.63 -39.72 13.54
N MET A 882 -28.03 -38.70 12.80
CA MET A 882 -27.09 -37.93 11.98
C MET A 882 -26.13 -37.11 12.85
N LEU A 883 -26.66 -36.58 13.95
CA LEU A 883 -25.84 -35.83 14.90
C LEU A 883 -24.85 -36.74 15.62
N GLN A 884 -25.29 -37.95 15.95
CA GLN A 884 -24.42 -38.92 16.63
C GLN A 884 -23.28 -39.36 15.71
N GLN A 885 -23.51 -39.24 14.40
CA GLN A 885 -22.51 -39.63 13.41
C GLN A 885 -21.77 -38.41 12.88
N LYS A 886 -22.01 -37.26 13.53
CA LYS A 886 -21.35 -36.00 13.21
C LYS A 886 -21.57 -35.55 11.77
N ARG A 887 -22.69 -35.95 11.19
CA ARG A 887 -23.06 -35.48 9.86
C ARG A 887 -23.90 -34.21 10.03
N TRP A 888 -23.22 -33.13 10.39
CA TRP A 888 -23.87 -31.87 10.77
C TRP A 888 -24.74 -31.27 9.67
N ASP A 889 -24.22 -31.21 8.46
CA ASP A 889 -24.94 -30.62 7.34
C ASP A 889 -26.22 -31.42 7.06
N GLU A 890 -26.10 -32.73 7.08
CA GLU A 890 -27.24 -33.61 6.86
C GLU A 890 -28.29 -33.42 7.94
N ALA A 891 -27.83 -33.29 9.18
CA ALA A 891 -28.72 -33.11 10.31
C ALA A 891 -29.36 -31.73 10.28
N ALA A 892 -28.56 -30.73 9.91
CA ALA A 892 -29.04 -29.36 9.84
C ALA A 892 -30.12 -29.21 8.78
N VAL A 893 -29.91 -29.87 7.65
CA VAL A 893 -30.87 -29.84 6.55
C VAL A 893 -32.16 -30.55 6.92
N ASN A 894 -32.03 -31.71 7.56
CA ASN A 894 -33.18 -32.53 7.93
C ASN A 894 -34.01 -31.93 9.06
N LEU A 895 -33.34 -31.23 9.98
CA LEU A 895 -34.03 -30.58 11.09
C LEU A 895 -34.83 -29.36 10.63
N ALA A 896 -34.43 -28.79 9.49
CA ALA A 896 -35.09 -27.61 8.96
C ALA A 896 -36.44 -27.96 8.34
N LYS A 897 -36.61 -29.23 8.01
CA LYS A 897 -37.84 -29.71 7.38
C LYS A 897 -38.90 -30.08 8.41
N SER A 898 -38.56 -29.90 9.69
CA SER A 898 -39.47 -30.28 10.76
C SER A 898 -40.58 -29.27 10.97
N ARG A 899 -41.68 -29.73 11.56
CA ARG A 899 -42.77 -28.87 11.98
C ARG A 899 -42.26 -27.92 13.08
N TRP A 900 -41.26 -28.40 13.83
CA TRP A 900 -40.58 -27.60 14.83
C TRP A 900 -39.95 -26.35 14.22
N TYR A 901 -39.28 -26.50 13.07
CA TYR A 901 -38.70 -25.37 12.39
C TYR A 901 -39.79 -24.46 11.84
N ASN A 902 -40.89 -25.08 11.40
CA ASN A 902 -41.98 -24.33 10.79
C ASN A 902 -42.69 -23.43 11.78
N GLN A 903 -42.93 -23.94 12.98
CA GLN A 903 -43.67 -23.19 13.99
C GLN A 903 -42.77 -22.19 14.74
N THR A 904 -41.51 -22.54 14.91
CA THR A 904 -40.56 -21.63 15.54
C THR A 904 -39.23 -21.57 14.79
N PRO A 905 -39.20 -20.87 13.64
CA PRO A 905 -38.02 -20.82 12.77
C PRO A 905 -36.78 -20.17 13.41
N ASN A 906 -36.94 -19.00 14.00
CA ASN A 906 -35.79 -18.24 14.51
C ASN A 906 -35.04 -18.96 15.61
N ARG A 907 -35.77 -19.67 16.46
CA ARG A 907 -35.14 -20.43 17.52
C ARG A 907 -34.57 -21.73 16.96
N ALA A 908 -35.34 -22.38 16.09
CA ALA A 908 -34.89 -23.61 15.45
C ALA A 908 -33.65 -23.36 14.63
N LYS A 909 -33.70 -22.35 13.77
CA LYS A 909 -32.56 -21.99 12.92
C LYS A 909 -31.33 -21.70 13.78
N ARG A 910 -31.57 -21.10 14.94
CA ARG A 910 -30.51 -20.82 15.90
C ARG A 910 -29.95 -22.11 16.47
N VAL A 911 -30.83 -23.02 16.87
CA VAL A 911 -30.42 -24.31 17.40
C VAL A 911 -29.77 -25.18 16.33
N ILE A 912 -30.37 -25.18 15.14
CA ILE A 912 -29.86 -25.95 14.02
C ILE A 912 -28.46 -25.47 13.62
N THR A 913 -28.28 -24.16 13.55
CA THR A 913 -26.99 -23.58 13.19
C THR A 913 -25.92 -24.00 14.21
N THR A 914 -26.34 -24.09 15.46
CA THR A 914 -25.45 -24.52 16.54
C THR A 914 -25.03 -25.97 16.35
N PHE A 915 -25.96 -26.82 15.91
CA PHE A 915 -25.63 -28.21 15.59
C PHE A 915 -24.63 -28.27 14.45
N ARG A 916 -24.87 -27.45 13.44
CA ARG A 916 -24.10 -27.48 12.21
C ARG A 916 -22.66 -26.99 12.41
N THR A 917 -22.50 -25.91 13.18
CA THR A 917 -21.18 -25.28 13.35
C THR A 917 -20.49 -25.68 14.65
N GLY A 918 -21.26 -26.05 15.66
CA GLY A 918 -20.70 -26.40 16.95
C GLY A 918 -20.22 -25.19 17.73
N THR A 919 -20.72 -24.02 17.38
CA THR A 919 -20.32 -22.78 18.06
C THR A 919 -21.52 -21.93 18.49
N TRP A 920 -21.25 -20.96 19.37
CA TRP A 920 -22.29 -20.09 19.90
C TRP A 920 -22.60 -18.92 18.98
N ASP A 921 -22.23 -19.04 17.72
CA ASP A 921 -22.30 -17.92 16.78
C ASP A 921 -23.71 -17.40 16.55
N ALA A 922 -24.67 -18.30 16.36
CA ALA A 922 -26.05 -17.92 16.09
C ALA A 922 -26.68 -17.16 17.25
N TYR A 923 -26.06 -17.26 18.42
CA TYR A 923 -26.57 -16.62 19.63
C TYR A 923 -25.76 -15.39 20.00
N GLU A 924 -24.46 -15.43 19.75
CA GLU A 924 -23.58 -14.30 20.03
C GLU A 924 -23.91 -13.09 19.16
N PHE A 925 -24.68 -13.32 18.11
CA PHE A 925 -25.08 -12.25 17.19
C PHE A 925 -26.48 -12.52 16.65
N HIS A 926 -27.43 -12.61 17.58
CA HIS A 926 -28.81 -12.86 17.22
C HIS A 926 -29.51 -11.59 16.89
N LEU A 927 -30.54 -11.74 16.06
CA LEU A 927 -31.30 -10.60 15.63
C LEU A 927 -32.36 -10.33 16.67
N GLY A 928 -32.31 -9.11 17.20
CA GLY A 928 -33.27 -8.68 18.18
C GLY A 928 -33.49 -9.29 19.55
N GLY A 929 -34.76 -9.64 19.73
CA GLY A 929 -35.39 -10.05 20.95
C GLY A 929 -36.59 -10.87 20.57
N ILE A 930 -37.08 -11.66 21.50
CA ILE A 930 -38.24 -12.50 21.23
C ILE A 930 -39.44 -12.04 22.06
N LYS A 931 -40.64 -12.25 21.53
CA LYS A 931 -41.84 -11.66 22.11
C LYS A 931 -42.71 -12.63 22.91
N ALA A 932 -42.90 -13.84 22.39
CA ALA A 932 -43.73 -14.82 23.08
C ALA A 932 -42.89 -15.74 23.96
N PHE A 933 -43.12 -15.66 25.25
CA PHE A 933 -42.41 -16.47 26.23
C PHE A 933 -43.21 -17.73 26.55
N HIS A 934 -42.54 -18.87 26.55
CA HIS A 934 -43.19 -20.12 26.92
C HIS A 934 -42.33 -20.93 27.87
N HIS A 935 -42.93 -21.38 28.97
CA HIS A 935 -42.20 -22.18 29.96
C HIS A 935 -41.73 -23.48 29.31
N HIS A 936 -40.57 -23.95 29.73
CA HIS A 936 -39.99 -25.14 29.14
C HIS A 936 -40.37 -26.41 29.90
N HIS A 937 -40.17 -27.55 29.26
CA HIS A 937 -40.27 -28.84 29.92
C HIS A 937 -39.16 -28.96 30.94
N HIS A 938 -39.29 -29.90 31.87
CA HIS A 938 -38.30 -30.12 32.92
C HIS A 938 -38.14 -28.91 33.82
N HIS A 939 -39.23 -28.43 34.40
CA HIS A 939 -39.14 -27.49 35.50
C HIS A 939 -38.95 -28.28 36.79
N HIS A 940 -37.77 -28.14 37.40
CA HIS A 940 -37.44 -28.85 38.63
C HIS A 940 -37.72 -27.99 39.86
N HIS A 941 -38.09 -28.65 40.96
CA HIS A 941 -38.44 -27.95 42.20
C HIS A 941 -37.85 -28.62 43.43
#